data_9IYS
#
_entry.id   9IYS
#
_cell.length_a   111.344
_cell.length_b   76.511
_cell.length_c   71.103
_cell.angle_alpha   90.00
_cell.angle_beta   111.10
_cell.angle_gamma   90.00
#
_symmetry.space_group_name_H-M   'C 1 2 1'
#
loop_
_entity.id
_entity.type
_entity.pdbx_description
1 polymer 'Carbon monoxide dehydrogenase 2'
2 non-polymer 'IRON/SULFUR CLUSTER'
3 non-polymer 'FE2/S2 (INORGANIC) CLUSTER'
4 non-polymer 'FE(4)-NI(1)-S(4) CLUSTER'
5 non-polymer 'FE (III) ION'
6 water water
#
_entity_poly.entity_id   1
_entity_poly.type   'polypeptide(L)'
_entity_poly.pdbx_seq_one_letter_code
;MGSSHHHHHHSSGLVPRGSHMARQNLKSTDRAVQQMLDKAKREGIQTVWDRYEAMKPQCGFGETGLCCRHCLQGPCRINP
FGDEPKVGICGATAEVIVARGLDRSIAAGAAGHSGHAKHLAHTLKKAVQGKAASYMIKDRTKLHSIAKRLGIPTEGQKDE
DIALEVAKAALADFHEKDTPVLWVTTVLPPSRVKVLSAHGLIPAGIDHEIAEIMHRTSMGCDADAQNLLLGGLRCSLADL
AGCYMGTDLADILFGTPAPVVTESNLGVLKADAVNVAVHGHNPVLSDIIVSVSKEMENEARAAGATGINVVGICCTGNEV
LMRHGIPACTHSVSQEMAMITGALDAMILDYQCIQPSVATIAECTGTTVITTMEMSKITGATHVNFAEEAAVENAKQILR
LAIDTFKRRKGKPVEIPNIKTKVVAGFSTEAIINALSKLNANDPLKPLIDNVVNGNIRGVCLFAGCNNVKVPQDQNFTTI
ARKLLKQNVLVVATGCGAGALMRHGFMDPANVDELCGDGLKAVLTAIGEANGLGGPLPPVLHMGSCVDNSRAVALVAALA
NRLGVDLDRLPVVASAAEWMHEKAVAIGTWAVTIGLPTHIGVLPPITGSLPVTQILTSSVKDITGGYFIHELDPETAADK
LLAAINERRAGLGLPW
;
_entity_poly.pdbx_strand_id   A
#
loop_
_chem_comp.id
_chem_comp.type
_chem_comp.name
_chem_comp.formula
FE non-polymer 'FE (III) ION' 'Fe 3'
FES non-polymer 'FE2/S2 (INORGANIC) CLUSTER' 'Fe2 S2'
SF4 non-polymer 'IRON/SULFUR CLUSTER' 'Fe4 S4'
XCC non-polymer 'FE(4)-NI(1)-S(4) CLUSTER' 'Fe4 Ni S4'
#
# COMPACT_ATOMS: atom_id res chain seq x y z
N GLN A 24 -6.23 25.79 -7.86
CA GLN A 24 -6.37 24.38 -7.50
C GLN A 24 -5.03 23.67 -7.46
N ASN A 25 -4.01 24.22 -8.13
CA ASN A 25 -2.70 23.56 -8.13
C ASN A 25 -2.03 23.59 -6.76
N LEU A 26 -2.49 24.43 -5.82
CA LEU A 26 -2.04 24.28 -4.44
C LEU A 26 -2.64 23.05 -3.76
N LYS A 27 -3.78 22.54 -4.27
CA LYS A 27 -4.45 21.38 -3.69
C LYS A 27 -3.97 20.07 -4.31
N SER A 28 -3.89 20.02 -5.64
CA SER A 28 -3.42 18.80 -6.31
C SER A 28 -2.58 19.20 -7.51
N THR A 29 -1.52 18.44 -7.76
CA THR A 29 -0.76 18.59 -9.00
C THR A 29 -1.37 17.83 -10.17
N ASP A 30 -2.42 17.04 -9.94
CA ASP A 30 -3.10 16.29 -10.99
C ASP A 30 -4.10 17.19 -11.71
N ARG A 31 -3.92 17.38 -13.03
CA ARG A 31 -4.77 18.32 -13.76
C ARG A 31 -6.22 17.86 -13.86
N ALA A 32 -6.47 16.55 -13.87
CA ALA A 32 -7.84 16.07 -13.88
C ALA A 32 -8.52 16.37 -12.55
N VAL A 33 -7.76 16.21 -11.46
CA VAL A 33 -8.29 16.54 -10.14
C VAL A 33 -8.58 18.03 -10.03
N GLN A 34 -7.69 18.87 -10.59
CA GLN A 34 -7.94 20.30 -10.59
C GLN A 34 -9.24 20.65 -11.32
N GLN A 35 -9.51 20.02 -12.47
CA GLN A 35 -10.74 20.29 -13.21
C GLN A 35 -11.99 19.92 -12.39
N MET A 36 -11.98 18.77 -11.72
CA MET A 36 -13.11 18.41 -10.84
C MET A 36 -13.21 19.28 -9.60
N LEU A 37 -12.08 19.81 -9.11
CA LEU A 37 -12.15 20.73 -7.99
C LEU A 37 -12.87 22.02 -8.40
N ASP A 38 -12.67 22.47 -9.65
CA ASP A 38 -13.43 23.61 -10.15
C ASP A 38 -14.92 23.28 -10.28
N LYS A 39 -15.24 22.08 -10.77
CA LYS A 39 -16.65 21.68 -10.87
C LYS A 39 -17.29 21.58 -9.49
N ALA A 40 -16.59 20.98 -8.53
CA ALA A 40 -17.15 20.88 -7.19
C ALA A 40 -17.40 22.26 -6.60
N LYS A 41 -16.48 23.20 -6.84
CA LYS A 41 -16.64 24.54 -6.30
C LYS A 41 -17.88 25.22 -6.88
N ARG A 42 -18.05 25.19 -8.20
CA ARG A 42 -19.22 25.92 -8.70
C ARG A 42 -20.52 25.18 -8.42
N GLU A 43 -20.48 23.89 -8.13
CA GLU A 43 -21.69 23.17 -7.71
C GLU A 43 -21.89 23.14 -6.19
N GLY A 44 -21.00 23.75 -5.42
CA GLY A 44 -21.19 23.78 -3.97
C GLY A 44 -20.97 22.47 -3.26
N ILE A 45 -20.24 21.53 -3.86
CA ILE A 45 -19.97 20.24 -3.23
C ILE A 45 -18.69 20.36 -2.41
N GLN A 46 -18.80 20.12 -1.11
CA GLN A 46 -17.65 20.22 -0.23
C GLN A 46 -16.71 19.03 -0.45
N THR A 47 -15.41 19.30 -0.48
CA THR A 47 -14.37 18.30 -0.75
C THR A 47 -13.49 18.13 0.47
N VAL A 48 -12.63 17.10 0.39
CA VAL A 48 -11.65 16.86 1.45
C VAL A 48 -10.79 18.09 1.68
N TRP A 49 -10.47 18.83 0.61
CA TRP A 49 -9.67 20.05 0.78
C TRP A 49 -10.45 21.15 1.50
N ASP A 50 -11.75 21.25 1.23
CA ASP A 50 -12.57 22.23 1.94
C ASP A 50 -12.67 21.89 3.42
N ARG A 51 -12.79 20.60 3.73
CA ARG A 51 -12.90 20.19 5.13
C ARG A 51 -11.58 20.38 5.87
N TYR A 52 -10.46 20.18 5.16
CA TYR A 52 -9.15 20.53 5.71
C TYR A 52 -9.05 22.02 6.01
N GLU A 53 -9.46 22.87 5.06
CA GLU A 53 -9.39 24.31 5.32
C GLU A 53 -10.24 24.68 6.53
N ALA A 54 -11.40 24.03 6.68
CA ALA A 54 -12.27 24.32 7.81
C ALA A 54 -11.70 23.85 9.14
N MET A 55 -10.67 22.99 9.11
CA MET A 55 -9.99 22.49 10.31
C MET A 55 -8.82 23.34 10.78
N LYS A 56 -8.37 24.26 9.99
CA LYS A 56 -7.20 25.03 10.38
C LYS A 56 -7.59 26.15 11.33
N PRO A 57 -6.74 26.48 12.33
CA PRO A 57 -5.47 25.82 12.67
C PRO A 57 -5.74 24.54 13.43
N GLN A 58 -5.07 23.46 13.05
CA GLN A 58 -5.23 22.19 13.74
C GLN A 58 -4.54 22.25 15.10
N CYS A 59 -5.01 21.39 15.99
CA CYS A 59 -4.54 21.42 17.36
C CYS A 59 -3.07 21.09 17.45
N GLY A 60 -2.30 21.97 18.12
CA GLY A 60 -0.88 21.75 18.21
C GLY A 60 -0.48 20.66 19.18
N PHE A 61 -1.31 20.36 20.16
CA PHE A 61 -1.01 19.25 21.05
C PHE A 61 -1.10 17.95 20.28
N GLY A 62 -2.18 17.78 19.53
CA GLY A 62 -2.31 16.58 18.73
C GLY A 62 -1.22 16.49 17.66
N GLU A 63 -0.90 17.61 17.02
CA GLU A 63 0.09 17.57 15.96
C GLU A 63 1.47 17.18 16.47
N THR A 64 1.81 17.60 17.70
CA THR A 64 3.09 17.27 18.29
C THR A 64 3.08 15.95 19.03
N GLY A 65 1.90 15.33 19.22
CA GLY A 65 1.77 14.09 19.96
C GLY A 65 1.56 14.27 21.46
N LEU A 66 1.51 15.49 21.96
CA LEU A 66 1.44 15.78 23.40
C LEU A 66 -0.01 15.89 23.87
N CYS A 67 -0.74 14.80 23.62
CA CYS A 67 -2.10 14.65 24.09
C CYS A 67 -2.36 13.18 24.36
N CYS A 68 -3.06 12.91 25.44
CA CYS A 68 -3.38 11.54 25.85
C CYS A 68 -4.83 11.48 26.31
N ARG A 69 -5.55 10.49 25.79
CA ARG A 69 -6.94 10.25 26.18
C ARG A 69 -7.11 8.80 26.59
N HIS A 70 -6.05 8.20 27.13
CA HIS A 70 -6.12 6.77 27.44
C HIS A 70 -6.84 6.45 28.74
N CYS A 71 -7.32 7.44 29.48
CA CYS A 71 -8.23 7.14 30.59
C CYS A 71 -9.16 8.31 30.81
N LEU A 72 -10.19 8.09 31.62
CA LEU A 72 -11.20 9.11 31.87
C LEU A 72 -10.78 10.18 32.87
N GLN A 73 -9.52 10.19 33.34
CA GLN A 73 -9.02 11.39 33.99
C GLN A 73 -8.61 12.45 32.99
N GLY A 74 -8.35 12.04 31.74
CA GLY A 74 -8.04 12.95 30.67
C GLY A 74 -9.25 13.75 30.19
N PRO A 75 -9.06 14.50 29.10
CA PRO A 75 -7.84 14.50 28.27
C PRO A 75 -6.69 15.21 28.94
N CYS A 76 -5.48 14.69 28.76
CA CYS A 76 -4.26 15.33 29.21
C CYS A 76 -3.48 15.85 28.01
N ARG A 77 -2.77 16.95 28.24
CA ARG A 77 -1.92 17.54 27.24
C ARG A 77 -0.67 18.02 27.94
N ILE A 78 0.39 18.24 27.14
CA ILE A 78 1.61 18.81 27.66
C ILE A 78 1.98 19.96 26.73
N ASN A 79 2.26 21.13 27.31
CA ASN A 79 2.74 22.23 26.49
C ASN A 79 4.09 21.86 25.89
N PRO A 80 4.26 21.96 24.57
CA PRO A 80 5.60 21.70 24.00
C PRO A 80 6.68 22.52 24.68
N PHE A 81 6.39 23.79 24.97
CA PHE A 81 7.32 24.67 25.65
C PHE A 81 6.56 25.58 26.60
N GLY A 82 7.24 26.00 27.65
CA GLY A 82 6.69 26.99 28.56
C GLY A 82 6.35 26.37 29.89
N ASP A 83 5.22 26.77 30.45
CA ASP A 83 4.83 26.37 31.79
C ASP A 83 3.85 25.18 31.75
N GLU A 84 3.17 24.96 32.87
CA GLU A 84 2.31 23.80 33.03
C GLU A 84 1.09 23.88 32.10
N PRO A 85 0.55 22.71 31.71
CA PRO A 85 0.95 21.36 32.12
C PRO A 85 2.22 20.83 31.47
N LYS A 86 3.03 20.17 32.30
CA LYS A 86 4.29 19.57 31.89
C LYS A 86 4.26 18.06 31.88
N VAL A 87 3.25 17.44 32.49
CA VAL A 87 3.20 16.00 32.67
C VAL A 87 1.73 15.61 32.72
N GLY A 88 1.42 14.39 32.30
CA GLY A 88 0.05 13.91 32.40
C GLY A 88 -0.40 13.73 33.84
N ILE A 89 -1.71 13.61 34.04
CA ILE A 89 -2.25 13.55 35.40
C ILE A 89 -1.70 12.34 36.17
N CYS A 90 -1.57 11.18 35.52
CA CYS A 90 -1.02 9.99 36.17
C CYS A 90 0.49 10.05 36.37
N GLY A 91 1.16 11.09 35.84
CA GLY A 91 2.62 11.12 35.81
C GLY A 91 3.24 10.74 34.47
N ALA A 92 2.44 10.42 33.46
CA ALA A 92 3.01 10.10 32.15
C ALA A 92 3.78 11.28 31.56
N THR A 93 5.04 11.05 31.23
CA THR A 93 5.87 12.08 30.63
C THR A 93 5.58 12.24 29.14
N ALA A 94 6.15 13.31 28.56
CA ALA A 94 6.01 13.54 27.12
C ALA A 94 6.51 12.34 26.35
N GLU A 95 7.60 11.74 26.83
CA GLU A 95 8.24 10.65 26.09
C GLU A 95 7.29 9.46 26.06
N VAL A 96 6.66 9.19 27.19
CA VAL A 96 5.75 8.05 27.31
C VAL A 96 4.48 8.30 26.51
N ILE A 97 3.89 9.48 26.64
CA ILE A 97 2.68 9.80 25.89
C ILE A 97 2.92 9.70 24.39
N VAL A 98 4.04 10.24 23.91
CA VAL A 98 4.31 10.17 22.47
C VAL A 98 4.52 8.73 22.04
N ALA A 99 5.30 7.94 22.80
CA ALA A 99 5.56 6.56 22.37
C ALA A 99 4.30 5.71 22.44
N ARG A 100 3.40 5.94 23.43
CA ARG A 100 2.17 5.16 23.50
C ARG A 100 1.25 5.46 22.31
N GLY A 101 1.10 6.73 21.97
CA GLY A 101 0.28 7.08 20.82
C GLY A 101 0.82 6.47 19.53
N LEU A 102 2.13 6.55 19.31
CA LEU A 102 2.71 5.93 18.12
C LEU A 102 2.48 4.42 18.11
N ASP A 103 2.67 3.76 19.24
CA ASP A 103 2.48 2.32 19.29
C ASP A 103 1.05 1.94 18.90
N ARG A 104 0.06 2.71 19.38
CA ARG A 104 -1.32 2.37 19.04
C ARG A 104 -1.57 2.56 17.55
N SER A 105 -0.92 3.54 16.91
CA SER A 105 -1.04 3.70 15.45
C SER A 105 -0.49 2.48 14.74
N ILE A 106 0.64 1.97 15.23
CA ILE A 106 1.23 0.80 14.58
C ILE A 106 0.31 -0.41 14.72
N ALA A 107 -0.24 -0.61 15.92
CA ALA A 107 -1.13 -1.73 16.14
C ALA A 107 -2.37 -1.64 15.27
N ALA A 108 -2.93 -0.42 15.11
CA ALA A 108 -4.11 -0.26 14.26
C ALA A 108 -3.79 -0.58 12.82
N GLY A 109 -2.63 -0.13 12.33
CA GLY A 109 -2.22 -0.51 10.96
C GLY A 109 -2.06 -2.01 10.82
N ALA A 110 -1.41 -2.64 11.81
CA ALA A 110 -1.25 -4.10 11.76
C ALA A 110 -2.60 -4.79 11.75
N ALA A 111 -3.57 -4.24 12.48
CA ALA A 111 -4.90 -4.80 12.51
C ALA A 111 -5.58 -4.72 11.15
N GLY A 112 -5.31 -3.65 10.39
CA GLY A 112 -5.90 -3.53 9.07
C GLY A 112 -5.31 -4.53 8.09
N HIS A 113 -3.98 -4.57 8.01
CA HIS A 113 -3.37 -5.46 7.02
C HIS A 113 -3.62 -6.91 7.34
N SER A 114 -3.61 -7.25 8.62
CA SER A 114 -3.86 -8.64 8.98
C SER A 114 -5.35 -9.02 8.99
N GLY A 115 -6.28 -8.08 9.21
CA GLY A 115 -7.68 -8.35 8.93
C GLY A 115 -7.88 -8.72 7.47
N HIS A 116 -7.23 -7.97 6.59
CA HIS A 116 -7.21 -8.27 5.16
C HIS A 116 -6.70 -9.68 4.91
N ALA A 117 -5.53 -10.01 5.45
CA ALA A 117 -4.94 -11.33 5.20
C ALA A 117 -5.81 -12.44 5.78
N LYS A 118 -6.33 -12.22 6.99
CA LYS A 118 -7.20 -13.21 7.64
C LYS A 118 -8.42 -13.53 6.79
N HIS A 119 -9.02 -12.50 6.18
CA HIS A 119 -10.16 -12.69 5.30
C HIS A 119 -9.79 -13.59 4.13
N LEU A 120 -8.63 -13.34 3.51
CA LEU A 120 -8.16 -14.17 2.41
C LEU A 120 -7.87 -15.60 2.86
N ALA A 121 -7.35 -15.77 4.09
CA ALA A 121 -7.09 -17.13 4.57
C ALA A 121 -8.39 -17.90 4.73
N HIS A 122 -9.42 -17.26 5.29
CA HIS A 122 -10.73 -17.93 5.37
C HIS A 122 -11.31 -18.22 3.98
N THR A 123 -11.08 -17.33 3.01
CA THR A 123 -11.58 -17.57 1.65
C THR A 123 -10.89 -18.76 1.01
N LEU A 124 -9.57 -18.87 1.16
CA LEU A 124 -8.87 -20.02 0.59
C LEU A 124 -9.36 -21.31 1.23
N LYS A 125 -9.53 -21.31 2.56
CA LYS A 125 -10.02 -22.49 3.24
C LYS A 125 -11.40 -22.88 2.72
N LYS A 126 -12.30 -21.91 2.60
CA LYS A 126 -13.63 -22.21 2.07
C LYS A 126 -13.54 -22.76 0.66
N ALA A 127 -12.69 -22.17 -0.19
CA ALA A 127 -12.62 -22.60 -1.58
C ALA A 127 -12.23 -24.07 -1.69
N VAL A 128 -11.21 -24.49 -0.93
CA VAL A 128 -10.70 -25.86 -1.10
C VAL A 128 -11.48 -26.88 -0.27
N GLN A 129 -12.39 -26.42 0.58
CA GLN A 129 -13.35 -27.27 1.28
C GLN A 129 -14.66 -27.41 0.50
N GLY A 130 -14.72 -26.89 -0.72
CA GLY A 130 -15.91 -27.00 -1.53
C GLY A 130 -17.06 -26.11 -1.12
N LYS A 131 -16.79 -25.02 -0.38
CA LYS A 131 -17.84 -24.16 0.14
C LYS A 131 -17.96 -22.83 -0.58
N ALA A 132 -17.07 -22.52 -1.52
CA ALA A 132 -17.15 -21.26 -2.27
C ALA A 132 -16.59 -21.52 -3.67
N ALA A 133 -17.48 -21.92 -4.58
CA ALA A 133 -17.06 -22.43 -5.87
C ALA A 133 -16.56 -21.35 -6.82
N SER A 134 -16.83 -20.07 -6.53
CA SER A 134 -16.30 -19.00 -7.36
C SER A 134 -14.84 -18.71 -7.07
N TYR A 135 -14.26 -19.33 -6.05
CA TYR A 135 -12.86 -19.21 -5.70
C TYR A 135 -12.17 -20.55 -5.86
N MET A 136 -10.87 -20.51 -6.12
CA MET A 136 -10.12 -21.69 -6.51
C MET A 136 -8.64 -21.39 -6.45
N ILE A 137 -7.83 -22.45 -6.48
CA ILE A 137 -6.38 -22.33 -6.61
C ILE A 137 -6.08 -21.93 -8.04
N LYS A 138 -5.76 -20.66 -8.29
CA LYS A 138 -5.39 -20.27 -9.63
C LYS A 138 -3.89 -20.34 -9.87
N ASP A 139 -3.07 -20.18 -8.84
CA ASP A 139 -1.62 -20.24 -8.99
C ASP A 139 -1.05 -21.41 -8.20
N ARG A 140 -0.98 -22.56 -8.88
CA ARG A 140 -0.52 -23.80 -8.26
C ARG A 140 0.95 -23.72 -7.91
N THR A 141 1.74 -23.09 -8.78
CA THR A 141 3.18 -22.96 -8.53
C THR A 141 3.43 -22.13 -7.28
N LYS A 142 2.71 -21.02 -7.13
CA LYS A 142 2.86 -20.18 -5.94
C LYS A 142 2.43 -20.94 -4.69
N LEU A 143 1.32 -21.67 -4.78
CA LEU A 143 0.89 -22.50 -3.66
C LEU A 143 2.01 -23.43 -3.20
N HIS A 144 2.66 -24.12 -4.14
CA HIS A 144 3.66 -25.09 -3.77
C HIS A 144 4.92 -24.44 -3.22
N SER A 145 5.31 -23.27 -3.74
CA SER A 145 6.50 -22.61 -3.22
C SER A 145 6.27 -22.04 -1.83
N ILE A 146 5.05 -21.52 -1.57
CA ILE A 146 4.72 -21.08 -0.21
C ILE A 146 4.76 -22.26 0.74
N ALA A 147 4.18 -23.39 0.34
CA ALA A 147 4.16 -24.57 1.19
C ALA A 147 5.57 -25.02 1.52
N LYS A 148 6.45 -25.04 0.50
CA LYS A 148 7.85 -25.37 0.73
C LYS A 148 8.52 -24.36 1.67
N ARG A 149 8.18 -23.08 1.54
CA ARG A 149 8.81 -22.06 2.37
C ARG A 149 8.42 -22.24 3.84
N LEU A 150 7.18 -22.66 4.09
CA LEU A 150 6.64 -22.90 5.42
C LEU A 150 7.03 -24.25 6.00
N GLY A 151 7.67 -25.11 5.21
CA GLY A 151 7.95 -26.46 5.65
C GLY A 151 6.77 -27.40 5.60
N ILE A 152 5.79 -27.12 4.73
CA ILE A 152 4.61 -27.97 4.56
C ILE A 152 4.88 -28.97 3.44
N PRO A 153 4.70 -30.27 3.67
CA PRO A 153 5.04 -31.25 2.63
C PRO A 153 4.12 -31.17 1.42
N THR A 154 4.72 -31.29 0.24
CA THR A 154 3.97 -31.30 -1.01
C THR A 154 4.01 -32.63 -1.73
N GLU A 155 5.12 -33.37 -1.61
CA GLU A 155 5.29 -34.60 -2.36
C GLU A 155 4.19 -35.60 -2.01
N GLY A 156 3.46 -36.05 -3.02
CA GLY A 156 2.38 -36.99 -2.82
C GLY A 156 1.14 -36.42 -2.21
N GLN A 157 1.04 -35.10 -2.07
CA GLN A 157 -0.13 -34.46 -1.49
C GLN A 157 -0.98 -33.80 -2.57
N LYS A 158 -2.29 -33.83 -2.36
CA LYS A 158 -3.23 -33.25 -3.30
C LYS A 158 -3.31 -31.74 -3.06
N ASP A 159 -3.55 -30.98 -4.14
CA ASP A 159 -3.43 -29.52 -4.07
C ASP A 159 -4.35 -28.91 -3.03
N GLU A 160 -5.59 -29.36 -2.98
CA GLU A 160 -6.52 -28.86 -1.97
C GLU A 160 -6.07 -29.17 -0.55
N ASP A 161 -5.38 -30.29 -0.33
CA ASP A 161 -4.87 -30.55 1.01
C ASP A 161 -3.66 -29.66 1.34
N ILE A 162 -2.78 -29.40 0.34
CA ILE A 162 -1.67 -28.48 0.57
C ILE A 162 -2.22 -27.09 0.87
N ALA A 163 -3.23 -26.67 0.12
CA ALA A 163 -3.85 -25.36 0.35
C ALA A 163 -4.50 -25.31 1.72
N LEU A 164 -5.16 -26.39 2.14
CA LEU A 164 -5.77 -26.40 3.46
C LEU A 164 -4.72 -26.20 4.55
N GLU A 165 -3.57 -26.87 4.41
CA GLU A 165 -2.47 -26.70 5.34
C GLU A 165 -1.89 -25.29 5.29
N VAL A 166 -1.79 -24.71 4.09
CA VAL A 166 -1.28 -23.35 4.01
C VAL A 166 -2.26 -22.38 4.68
N ALA A 167 -3.56 -22.56 4.45
CA ALA A 167 -4.53 -21.67 5.08
C ALA A 167 -4.49 -21.84 6.59
N LYS A 168 -4.37 -23.08 7.06
CA LYS A 168 -4.30 -23.30 8.50
C LYS A 168 -3.05 -22.67 9.11
N ALA A 169 -1.92 -22.75 8.39
CA ALA A 169 -0.70 -22.10 8.84
C ALA A 169 -0.91 -20.59 8.90
N ALA A 170 -1.58 -20.02 7.90
CA ALA A 170 -1.82 -18.59 7.93
C ALA A 170 -2.64 -18.19 9.14
N LEU A 171 -3.73 -18.93 9.42
CA LEU A 171 -4.53 -18.59 10.60
C LEU A 171 -3.76 -18.82 11.89
N ALA A 172 -2.85 -19.80 11.92
CA ALA A 172 -2.13 -20.03 13.17
C ALA A 172 -1.14 -18.92 13.50
N ASP A 173 -0.66 -18.16 12.50
CA ASP A 173 0.27 -17.07 12.76
C ASP A 173 -0.39 -15.92 13.51
N PHE A 174 -1.70 -15.93 13.66
CA PHE A 174 -2.34 -14.84 14.39
C PHE A 174 -2.24 -14.99 15.89
N HIS A 175 -1.89 -16.18 16.40
CA HIS A 175 -1.89 -16.43 17.83
C HIS A 175 -0.60 -17.12 18.23
N GLU A 176 -0.36 -17.17 19.54
CA GLU A 176 0.82 -17.84 20.05
C GLU A 176 0.76 -19.33 19.76
N LYS A 177 1.93 -19.92 19.54
CA LYS A 177 2.05 -21.36 19.27
C LYS A 177 3.51 -21.74 19.48
N ASP A 178 3.87 -22.96 19.07
CA ASP A 178 5.22 -23.45 19.34
C ASP A 178 6.27 -22.82 18.44
N THR A 179 5.86 -22.13 17.39
CA THR A 179 6.74 -21.40 16.50
C THR A 179 6.39 -19.92 16.53
N PRO A 180 7.34 -19.04 16.20
CA PRO A 180 6.99 -17.63 16.00
C PRO A 180 6.18 -17.42 14.72
N VAL A 181 5.89 -16.18 14.40
CA VAL A 181 5.12 -15.89 13.20
C VAL A 181 5.98 -16.28 11.99
N LEU A 182 5.57 -17.32 11.25
CA LEU A 182 6.37 -17.82 10.13
C LEU A 182 6.39 -16.83 8.98
N TRP A 183 5.34 -16.03 8.82
CA TRP A 183 5.35 -14.99 7.78
C TRP A 183 6.25 -13.81 8.14
N VAL A 184 6.99 -13.89 9.24
CA VAL A 184 8.20 -13.11 9.46
C VAL A 184 9.45 -13.96 9.29
N THR A 185 9.57 -15.03 10.07
CA THR A 185 10.83 -15.75 10.18
C THR A 185 11.23 -16.45 8.88
N THR A 186 10.27 -16.80 8.02
CA THR A 186 10.64 -17.49 6.77
C THR A 186 10.76 -16.57 5.58
N VAL A 187 10.54 -15.26 5.72
CA VAL A 187 10.59 -14.34 4.59
C VAL A 187 11.73 -13.34 4.64
N LEU A 188 12.42 -13.22 5.74
CA LEU A 188 13.55 -12.31 5.85
C LEU A 188 14.87 -13.07 5.79
N PRO A 189 15.97 -12.41 5.44
CA PRO A 189 17.28 -13.09 5.48
C PRO A 189 17.56 -13.64 6.86
N PRO A 190 18.16 -14.82 6.93
CA PRO A 190 18.42 -15.42 8.25
C PRO A 190 19.24 -14.55 9.19
N SER A 191 20.22 -13.79 8.67
CA SER A 191 20.99 -12.92 9.54
C SER A 191 20.11 -11.83 10.14
N ARG A 192 19.10 -11.38 9.39
CA ARG A 192 18.18 -10.37 9.88
C ARG A 192 17.30 -10.95 10.98
N VAL A 193 16.81 -12.18 10.79
CA VAL A 193 16.01 -12.83 11.83
C VAL A 193 16.79 -12.95 13.12
N LYS A 194 18.10 -13.22 13.01
CA LYS A 194 18.94 -13.36 14.20
C LYS A 194 19.12 -12.02 14.91
N VAL A 195 19.33 -10.95 14.15
CA VAL A 195 19.47 -9.63 14.76
C VAL A 195 18.18 -9.27 15.49
N LEU A 196 17.04 -9.53 14.85
CA LEU A 196 15.77 -9.15 15.47
C LEU A 196 15.48 -9.99 16.69
N SER A 197 15.77 -11.29 16.59
CA SER A 197 15.55 -12.21 17.71
C SER A 197 16.39 -11.81 18.92
N ALA A 198 17.62 -11.35 18.69
CA ALA A 198 18.48 -10.93 19.78
C ALA A 198 17.89 -9.75 20.54
N HIS A 199 17.16 -8.88 19.86
CA HIS A 199 16.51 -7.73 20.48
C HIS A 199 15.09 -8.03 20.96
N GLY A 200 14.66 -9.29 20.85
CA GLY A 200 13.32 -9.67 21.27
C GLY A 200 12.22 -9.15 20.38
N LEU A 201 12.51 -8.96 19.08
CA LEU A 201 11.59 -8.26 18.20
C LEU A 201 10.76 -9.19 17.32
N ILE A 202 10.97 -10.50 17.36
CA ILE A 202 10.17 -11.39 16.51
C ILE A 202 8.78 -11.56 17.10
N PRO A 203 7.71 -11.26 16.34
CA PRO A 203 6.36 -11.40 16.88
C PRO A 203 6.03 -12.84 17.21
N ALA A 204 5.25 -13.02 18.27
CA ALA A 204 4.81 -14.35 18.68
C ALA A 204 3.51 -14.77 18.00
N GLY A 205 2.70 -13.79 17.59
CA GLY A 205 1.41 -14.00 16.96
C GLY A 205 0.89 -12.64 16.51
N ILE A 206 0.19 -12.55 15.38
CA ILE A 206 -0.16 -11.22 14.85
C ILE A 206 -1.16 -10.53 15.78
N ASP A 207 -2.29 -11.18 16.07
CA ASP A 207 -3.28 -10.52 16.95
C ASP A 207 -2.79 -10.49 18.39
N HIS A 208 -1.92 -11.43 18.77
CA HIS A 208 -1.28 -11.38 20.09
C HIS A 208 -0.49 -10.08 20.25
N GLU A 209 0.28 -9.70 19.23
CA GLU A 209 1.08 -8.49 19.35
C GLU A 209 0.19 -7.26 19.37
N ILE A 210 -0.88 -7.27 18.58
CA ILE A 210 -1.78 -6.11 18.55
C ILE A 210 -2.39 -5.89 19.93
N ALA A 211 -2.89 -6.98 20.53
CA ALA A 211 -3.49 -6.89 21.86
C ALA A 211 -2.46 -6.47 22.90
N GLU A 212 -1.23 -6.97 22.79
CA GLU A 212 -0.23 -6.60 23.78
C GLU A 212 0.13 -5.12 23.70
N ILE A 213 0.16 -4.55 22.48
CA ILE A 213 0.36 -3.10 22.35
C ILE A 213 -0.76 -2.35 23.08
N MET A 214 -2.00 -2.79 22.85
CA MET A 214 -3.14 -2.08 23.40
C MET A 214 -3.10 -2.14 24.93
N HIS A 215 -2.67 -3.29 25.45
CA HIS A 215 -2.50 -3.45 26.89
C HIS A 215 -1.39 -2.57 27.42
N ARG A 216 -0.18 -2.68 26.85
CA ARG A 216 0.98 -1.98 27.44
C ARG A 216 0.85 -0.47 27.35
N THR A 217 0.05 0.03 26.41
CA THR A 217 -0.13 1.45 26.25
C THR A 217 -1.32 1.98 27.04
N SER A 218 -2.11 1.10 27.67
CA SER A 218 -3.22 1.56 28.50
C SER A 218 -2.68 2.18 29.79
N MET A 219 -3.56 2.90 30.51
CA MET A 219 -3.09 3.66 31.67
C MET A 219 -2.37 2.75 32.66
N GLY A 220 -1.25 3.24 33.20
CA GLY A 220 -0.63 2.58 34.34
C GLY A 220 0.15 1.34 34.00
N CYS A 221 0.63 1.26 32.78
CA CYS A 221 1.30 0.09 32.23
C CYS A 221 2.67 0.58 31.79
N ASP A 222 3.14 0.15 30.63
CA ASP A 222 4.47 0.50 30.18
C ASP A 222 4.67 2.02 30.15
N ALA A 223 5.77 2.45 30.77
CA ALA A 223 6.11 3.88 30.92
C ALA A 223 7.61 4.09 30.78
N ASP A 224 8.17 3.47 29.75
CA ASP A 224 9.57 3.66 29.42
C ASP A 224 9.62 3.74 27.90
N ALA A 225 10.11 4.87 27.38
CA ALA A 225 10.00 5.12 25.94
C ALA A 225 10.71 4.05 25.13
N GLN A 226 11.92 3.66 25.53
CA GLN A 226 12.66 2.66 24.76
C GLN A 226 11.94 1.33 24.76
N ASN A 227 11.43 0.90 25.93
CA ASN A 227 10.67 -0.34 26.03
C ASN A 227 9.42 -0.26 25.14
N LEU A 228 8.70 0.86 25.21
CA LEU A 228 7.50 1.02 24.39
C LEU A 228 7.82 0.92 22.91
N LEU A 229 8.88 1.60 22.47
CA LEU A 229 9.19 1.64 21.04
C LEU A 229 9.68 0.27 20.54
N LEU A 230 10.42 -0.47 21.36
CA LEU A 230 10.78 -1.83 20.98
C LEU A 230 9.51 -2.66 20.75
N GLY A 231 8.51 -2.49 21.61
CA GLY A 231 7.24 -3.18 21.36
C GLY A 231 6.64 -2.76 20.03
N GLY A 232 6.71 -1.47 19.71
CA GLY A 232 6.19 -1.00 18.44
C GLY A 232 6.89 -1.62 17.25
N LEU A 233 8.22 -1.76 17.33
CA LEU A 233 8.96 -2.42 16.25
C LEU A 233 8.48 -3.86 16.05
N ARG A 234 8.34 -4.61 17.15
CA ARG A 234 7.82 -5.97 17.04
C ARG A 234 6.42 -5.99 16.43
N CYS A 235 5.53 -5.09 16.88
CA CYS A 235 4.20 -5.05 16.29
C CYS A 235 4.25 -4.68 14.79
N SER A 236 5.20 -3.82 14.38
CA SER A 236 5.31 -3.51 12.96
C SER A 236 5.68 -4.76 12.17
N LEU A 237 6.44 -5.67 12.77
CA LEU A 237 6.74 -6.91 12.04
C LEU A 237 5.51 -7.82 11.94
N ALA A 238 4.61 -7.79 12.94
CA ALA A 238 3.29 -8.41 12.79
C ALA A 238 2.56 -7.83 11.59
N ASP A 239 2.70 -6.52 11.37
CA ASP A 239 2.09 -5.92 10.19
C ASP A 239 2.72 -6.46 8.91
N LEU A 240 4.06 -6.50 8.87
CA LEU A 240 4.75 -7.08 7.72
C LEU A 240 4.25 -8.48 7.44
N ALA A 241 4.07 -9.28 8.47
CA ALA A 241 3.56 -10.64 8.27
C ALA A 241 2.17 -10.61 7.63
N GLY A 242 1.31 -9.72 8.08
CA GLY A 242 -0.01 -9.65 7.47
C GLY A 242 0.06 -9.22 6.00
N CYS A 243 0.94 -8.27 5.70
CA CYS A 243 1.14 -7.85 4.30
C CYS A 243 1.58 -9.03 3.46
N TYR A 244 2.62 -9.73 3.91
CA TYR A 244 3.18 -10.81 3.10
C TYR A 244 2.19 -11.96 2.97
N MET A 245 1.45 -12.26 4.05
CA MET A 245 0.44 -13.30 3.99
C MET A 245 -0.68 -12.90 3.01
N GLY A 246 -1.07 -11.62 3.04
CA GLY A 246 -2.10 -11.16 2.13
C GLY A 246 -1.69 -11.29 0.67
N THR A 247 -0.46 -10.91 0.34
CA THR A 247 0.02 -11.05 -1.03
C THR A 247 0.08 -12.52 -1.42
N ASP A 248 0.60 -13.35 -0.52
CA ASP A 248 0.73 -14.78 -0.81
C ASP A 248 -0.63 -15.37 -1.12
N LEU A 249 -1.63 -15.13 -0.25
CA LEU A 249 -2.93 -15.75 -0.40
C LEU A 249 -3.66 -15.20 -1.62
N ALA A 250 -3.55 -13.88 -1.87
CA ALA A 250 -4.17 -13.27 -3.05
C ALA A 250 -3.60 -13.85 -4.34
N ASP A 251 -2.29 -14.09 -4.38
CA ASP A 251 -1.68 -14.69 -5.56
C ASP A 251 -2.15 -16.12 -5.76
N ILE A 252 -2.26 -16.91 -4.69
CA ILE A 252 -2.78 -18.28 -4.83
C ILE A 252 -4.18 -18.24 -5.43
N LEU A 253 -5.05 -17.38 -4.87
CA LEU A 253 -6.45 -17.35 -5.25
C LEU A 253 -6.69 -16.69 -6.60
N PHE A 254 -5.94 -15.64 -6.94
CA PHE A 254 -6.30 -14.82 -8.09
C PHE A 254 -5.21 -14.75 -9.16
N GLY A 255 -4.04 -15.34 -8.90
CA GLY A 255 -2.95 -15.33 -9.84
C GLY A 255 -1.86 -14.36 -9.48
N THR A 256 -0.62 -14.77 -9.63
CA THR A 256 0.50 -13.85 -9.48
C THR A 256 0.56 -12.86 -10.64
N PRO A 257 0.71 -11.56 -10.37
CA PRO A 257 0.74 -10.58 -11.47
C PRO A 257 1.92 -10.78 -12.41
N ALA A 258 1.68 -10.47 -13.67
CA ALA A 258 2.70 -10.42 -14.72
C ALA A 258 2.49 -9.12 -15.48
N PRO A 259 3.47 -8.68 -16.28
CA PRO A 259 3.37 -7.33 -16.88
C PRO A 259 2.08 -7.14 -17.67
N VAL A 260 1.47 -5.96 -17.49
CA VAL A 260 0.18 -5.61 -18.05
C VAL A 260 0.28 -4.18 -18.56
N VAL A 261 -0.59 -3.84 -19.51
CA VAL A 261 -0.67 -2.49 -20.06
C VAL A 261 -2.09 -1.97 -19.88
N THR A 262 -2.21 -0.76 -19.35
CA THR A 262 -3.55 -0.18 -19.13
C THR A 262 -3.38 1.33 -19.05
N GLU A 263 -4.37 2.00 -18.47
CA GLU A 263 -4.41 3.45 -18.41
C GLU A 263 -4.77 3.89 -17.00
N SER A 264 -4.53 5.18 -16.72
CA SER A 264 -4.92 5.72 -15.42
C SER A 264 -5.40 7.15 -15.56
N ASN A 265 -6.13 7.59 -14.53
CA ASN A 265 -6.72 8.91 -14.30
C ASN A 265 -8.17 8.99 -14.78
N LEU A 266 -8.81 10.13 -14.53
CA LEU A 266 -10.27 10.19 -14.63
C LEU A 266 -10.76 9.95 -16.05
N GLY A 267 -9.90 10.22 -17.03
CA GLY A 267 -10.27 9.99 -18.42
C GLY A 267 -10.55 8.53 -18.75
N VAL A 268 -10.25 7.61 -17.84
CA VAL A 268 -10.62 6.22 -18.11
C VAL A 268 -12.11 5.98 -17.93
N LEU A 269 -12.83 6.93 -17.33
CA LEU A 269 -14.29 6.82 -17.27
C LEU A 269 -14.86 7.04 -18.67
N LYS A 270 -15.99 6.40 -18.96
CA LYS A 270 -16.58 6.50 -20.29
C LYS A 270 -18.03 6.91 -20.16
N ALA A 271 -18.39 8.06 -20.76
CA ALA A 271 -19.74 8.59 -20.60
C ALA A 271 -20.78 7.59 -21.10
N ASP A 272 -20.43 6.78 -22.09
CA ASP A 272 -21.33 5.85 -22.75
C ASP A 272 -21.44 4.50 -22.05
N ALA A 273 -20.68 4.27 -21.01
CA ALA A 273 -20.63 2.97 -20.37
C ALA A 273 -21.19 3.08 -18.96
N VAL A 274 -21.48 1.92 -18.36
CA VAL A 274 -21.77 1.84 -16.92
C VAL A 274 -20.42 1.86 -16.21
N ASN A 275 -20.12 2.95 -15.53
CA ASN A 275 -18.83 3.11 -14.89
C ASN A 275 -18.94 2.63 -13.45
N VAL A 276 -18.15 1.61 -13.13
CA VAL A 276 -18.21 0.95 -11.83
C VAL A 276 -16.82 0.99 -11.21
N ALA A 277 -16.69 1.66 -10.07
CA ALA A 277 -15.42 1.73 -9.36
C ALA A 277 -15.39 0.65 -8.29
N VAL A 278 -14.29 -0.10 -8.23
CA VAL A 278 -14.03 -0.95 -7.07
C VAL A 278 -13.03 -0.21 -6.19
N HIS A 279 -13.32 -0.13 -4.90
CA HIS A 279 -12.66 0.81 -4.01
C HIS A 279 -12.48 0.14 -2.66
N GLY A 280 -11.32 0.34 -2.05
CA GLY A 280 -11.04 -0.34 -0.80
C GLY A 280 -9.72 -1.07 -0.95
N HIS A 281 -9.61 -2.26 -0.35
CA HIS A 281 -8.34 -2.98 -0.31
C HIS A 281 -8.40 -4.46 -0.64
N ASN A 282 -9.45 -5.12 -0.17
CA ASN A 282 -9.50 -6.57 -0.31
C ASN A 282 -10.21 -6.92 -1.59
N PRO A 283 -9.54 -7.57 -2.55
CA PRO A 283 -10.14 -7.83 -3.85
C PRO A 283 -10.90 -9.15 -3.88
N VAL A 284 -11.19 -9.72 -2.71
CA VAL A 284 -11.94 -10.97 -2.69
C VAL A 284 -13.26 -10.81 -3.41
N LEU A 285 -13.89 -9.63 -3.30
CA LEU A 285 -15.11 -9.44 -4.08
C LEU A 285 -14.84 -8.76 -5.43
N SER A 286 -13.95 -7.76 -5.46
CA SER A 286 -13.75 -7.02 -6.71
C SER A 286 -13.17 -7.89 -7.81
N ASP A 287 -12.36 -8.89 -7.46
CA ASP A 287 -11.89 -9.82 -8.50
C ASP A 287 -13.06 -10.55 -9.14
N ILE A 288 -14.05 -10.93 -8.32
CA ILE A 288 -15.29 -11.48 -8.84
C ILE A 288 -16.07 -10.43 -9.62
N ILE A 289 -16.07 -9.18 -9.13
CA ILE A 289 -16.73 -8.11 -9.87
C ILE A 289 -16.18 -8.03 -11.29
N VAL A 290 -14.85 -8.13 -11.43
CA VAL A 290 -14.21 -8.02 -12.74
C VAL A 290 -14.69 -9.13 -13.67
N SER A 291 -14.67 -10.38 -13.19
CA SER A 291 -15.01 -11.50 -14.07
C SER A 291 -16.49 -11.52 -14.41
N VAL A 292 -17.35 -11.24 -13.43
CA VAL A 292 -18.79 -11.25 -13.66
C VAL A 292 -19.21 -10.12 -14.58
N SER A 293 -18.58 -8.94 -14.44
CA SER A 293 -18.96 -7.81 -15.28
C SER A 293 -18.85 -8.16 -16.76
N LYS A 294 -17.86 -8.97 -17.12
CA LYS A 294 -17.70 -9.38 -18.50
C LYS A 294 -18.95 -10.10 -19.01
N GLU A 295 -19.59 -10.89 -18.14
CA GLU A 295 -20.73 -11.69 -18.57
C GLU A 295 -21.96 -10.83 -18.83
N MET A 296 -22.17 -9.78 -18.04
CA MET A 296 -23.36 -8.95 -18.16
C MET A 296 -23.20 -7.81 -19.16
N GLU A 297 -22.31 -7.96 -20.15
CA GLU A 297 -22.18 -6.94 -21.18
C GLU A 297 -23.50 -6.75 -21.92
N ASN A 298 -24.12 -7.86 -22.35
CA ASN A 298 -25.38 -7.76 -23.08
C ASN A 298 -26.47 -7.13 -22.21
N GLU A 299 -26.52 -7.48 -20.93
CA GLU A 299 -27.50 -6.87 -20.05
C GLU A 299 -27.23 -5.37 -19.86
N ALA A 300 -25.96 -4.96 -19.88
CA ALA A 300 -25.66 -3.54 -19.88
C ALA A 300 -26.04 -2.90 -21.21
N ARG A 301 -25.88 -3.64 -22.32
CA ARG A 301 -26.24 -3.11 -23.62
C ARG A 301 -27.75 -2.91 -23.74
N ALA A 302 -28.53 -3.81 -23.13
CA ALA A 302 -29.99 -3.70 -23.18
C ALA A 302 -30.47 -2.39 -22.57
N ALA A 303 -29.73 -1.84 -21.60
CA ALA A 303 -30.09 -0.59 -20.95
C ALA A 303 -29.50 0.63 -21.65
N GLY A 304 -28.80 0.45 -22.77
CA GLY A 304 -28.27 1.58 -23.51
C GLY A 304 -26.82 1.91 -23.25
N ALA A 305 -26.07 1.04 -22.59
CA ALA A 305 -24.64 1.23 -22.40
C ALA A 305 -23.87 0.44 -23.44
N THR A 306 -22.66 0.92 -23.75
CA THR A 306 -21.72 0.12 -24.54
C THR A 306 -21.27 -1.12 -23.78
N GLY A 307 -21.24 -1.05 -22.46
CA GLY A 307 -20.83 -2.17 -21.65
C GLY A 307 -20.63 -1.71 -20.22
N ILE A 308 -20.06 -2.59 -19.40
CA ILE A 308 -19.68 -2.27 -18.03
C ILE A 308 -18.20 -1.94 -18.01
N ASN A 309 -17.88 -0.71 -17.62
CA ASN A 309 -16.51 -0.21 -17.54
C ASN A 309 -16.09 -0.24 -16.07
N VAL A 310 -15.40 -1.31 -15.66
CA VAL A 310 -14.91 -1.39 -14.28
C VAL A 310 -13.61 -0.60 -14.19
N VAL A 311 -13.53 0.29 -13.19
CA VAL A 311 -12.33 1.08 -12.97
C VAL A 311 -11.93 0.92 -11.51
N GLY A 312 -10.67 1.21 -11.22
CA GLY A 312 -10.12 1.00 -9.88
C GLY A 312 -9.91 2.30 -9.13
N ILE A 313 -10.21 2.28 -7.83
CA ILE A 313 -9.78 3.32 -6.90
C ILE A 313 -9.00 2.66 -5.76
N CYS A 314 -7.91 3.30 -5.35
CA CYS A 314 -7.09 2.89 -4.20
CA CYS A 314 -7.14 2.87 -4.16
C CYS A 314 -6.57 1.47 -4.41
N CYS A 315 -6.36 0.71 -3.33
CA CYS A 315 -5.59 -0.53 -3.51
C CYS A 315 -6.39 -1.66 -4.12
N THR A 316 -7.69 -1.73 -3.86
CA THR A 316 -8.49 -2.72 -4.58
C THR A 316 -8.34 -2.49 -6.08
N GLY A 317 -8.30 -1.21 -6.48
CA GLY A 317 -8.02 -0.90 -7.87
C GLY A 317 -6.64 -1.37 -8.30
N ASN A 318 -5.63 -1.20 -7.44
CA ASN A 318 -4.30 -1.71 -7.75
C ASN A 318 -4.32 -3.22 -7.92
N GLU A 319 -5.05 -3.94 -7.06
CA GLU A 319 -5.08 -5.40 -7.18
C GLU A 319 -5.58 -5.83 -8.56
N VAL A 320 -6.70 -5.26 -9.01
CA VAL A 320 -7.26 -5.69 -10.29
C VAL A 320 -6.54 -5.04 -11.45
N LEU A 321 -5.81 -3.95 -11.22
CA LEU A 321 -4.92 -3.44 -12.26
C LEU A 321 -3.74 -4.38 -12.48
N MET A 322 -3.12 -4.84 -11.39
CA MET A 322 -1.98 -5.77 -11.48
C MET A 322 -2.34 -7.09 -12.11
N ARG A 323 -3.54 -7.63 -11.82
CA ARG A 323 -3.86 -8.96 -12.29
C ARG A 323 -4.60 -8.96 -13.63
N HIS A 324 -5.35 -7.91 -13.93
CA HIS A 324 -6.29 -7.94 -15.05
C HIS A 324 -6.17 -6.73 -15.96
N GLY A 325 -5.30 -5.78 -15.65
CA GLY A 325 -5.21 -4.55 -16.43
C GLY A 325 -6.42 -3.65 -16.32
N ILE A 326 -7.18 -3.74 -15.24
CA ILE A 326 -8.28 -2.80 -15.03
C ILE A 326 -7.72 -1.40 -14.89
N PRO A 327 -8.22 -0.42 -15.64
CA PRO A 327 -7.66 0.93 -15.56
C PRO A 327 -7.93 1.56 -14.20
N ALA A 328 -6.98 2.37 -13.76
CA ALA A 328 -7.06 3.03 -12.45
C ALA A 328 -7.66 4.42 -12.63
N CYS A 329 -8.73 4.69 -11.89
CA CYS A 329 -9.44 5.95 -12.04
C CYS A 329 -8.80 7.07 -11.23
N THR A 330 -8.63 6.84 -9.92
CA THR A 330 -7.95 7.80 -9.06
C THR A 330 -7.61 7.09 -7.74
N HIS A 331 -7.11 7.88 -6.78
CA HIS A 331 -6.46 7.31 -5.61
C HIS A 331 -6.69 8.23 -4.43
N SER A 332 -6.77 7.64 -3.25
CA SER A 332 -6.50 8.34 -2.00
C SER A 332 -7.26 9.65 -1.88
N VAL A 333 -6.50 10.73 -1.70
CA VAL A 333 -7.10 12.01 -1.30
C VAL A 333 -8.10 12.51 -2.34
N SER A 334 -7.92 12.15 -3.61
CA SER A 334 -8.77 12.69 -4.66
C SER A 334 -9.94 11.78 -5.02
N GLN A 335 -10.26 10.79 -4.18
CA GLN A 335 -11.24 9.78 -4.56
C GLN A 335 -12.62 10.38 -4.82
N GLU A 336 -12.96 11.48 -4.15
CA GLU A 336 -14.29 12.07 -4.36
C GLU A 336 -14.43 12.62 -5.78
N MET A 337 -13.33 13.02 -6.41
CA MET A 337 -13.48 13.62 -7.74
C MET A 337 -13.94 12.67 -8.83
N ALA A 338 -13.79 11.36 -8.64
CA ALA A 338 -14.38 10.46 -9.62
C ALA A 338 -15.90 10.60 -9.64
N MET A 339 -16.52 10.83 -8.47
CA MET A 339 -17.97 11.02 -8.49
C MET A 339 -18.38 12.38 -9.02
N ILE A 340 -17.54 13.41 -8.84
CA ILE A 340 -17.91 14.76 -9.29
C ILE A 340 -18.09 14.81 -10.81
N THR A 341 -17.53 13.84 -11.56
CA THR A 341 -17.71 13.85 -13.01
C THR A 341 -19.16 13.71 -13.41
N GLY A 342 -19.98 13.11 -12.55
CA GLY A 342 -21.34 12.79 -12.90
C GLY A 342 -21.52 11.47 -13.60
N ALA A 343 -20.43 10.79 -13.95
CA ALA A 343 -20.45 9.58 -14.75
C ALA A 343 -20.16 8.31 -13.95
N LEU A 344 -19.94 8.40 -12.63
CA LEU A 344 -19.69 7.20 -11.83
C LEU A 344 -21.00 6.62 -11.35
N ASP A 345 -21.41 5.52 -11.97
CA ASP A 345 -22.71 4.93 -11.65
C ASP A 345 -22.68 4.15 -10.34
N ALA A 346 -21.55 3.52 -10.01
CA ALA A 346 -21.47 2.83 -8.73
C ALA A 346 -20.06 2.88 -8.18
N MET A 347 -19.99 2.86 -6.85
CA MET A 347 -18.75 2.75 -6.09
C MET A 347 -18.91 1.54 -5.17
N ILE A 348 -18.18 0.46 -5.45
CA ILE A 348 -18.31 -0.77 -4.65
C ILE A 348 -17.18 -0.83 -3.64
N LEU A 349 -17.54 -0.76 -2.35
CA LEU A 349 -16.61 -0.57 -1.24
C LEU A 349 -16.41 -1.85 -0.46
N ASP A 350 -15.15 -2.15 -0.14
CA ASP A 350 -14.91 -3.10 0.93
C ASP A 350 -14.42 -2.46 2.25
N TYR A 351 -13.15 -2.09 2.41
CA TYR A 351 -12.76 -1.42 3.65
C TYR A 351 -11.39 -0.78 3.48
N GLN A 352 -11.13 0.22 4.33
CA GLN A 352 -9.88 0.98 4.47
C GLN A 352 -9.77 2.08 3.42
N CYS A 353 -9.50 3.30 3.91
CA CYS A 353 -9.11 4.46 3.11
C CYS A 353 -10.26 5.00 2.29
N ILE A 354 -11.49 4.63 2.61
CA ILE A 354 -12.67 5.18 1.94
C ILE A 354 -13.13 6.39 2.74
N GLN A 355 -13.05 7.57 2.14
CA GLN A 355 -13.57 8.77 2.80
C GLN A 355 -15.07 8.60 3.00
N PRO A 356 -15.58 8.61 4.23
CA PRO A 356 -17.03 8.40 4.39
C PRO A 356 -17.87 9.51 3.79
N SER A 357 -17.22 10.62 3.40
CA SER A 357 -17.91 11.65 2.65
C SER A 357 -18.54 11.12 1.36
N VAL A 358 -18.02 10.03 0.80
CA VAL A 358 -18.58 9.54 -0.46
C VAL A 358 -20.06 9.25 -0.31
N ALA A 359 -20.51 8.85 0.88
CA ALA A 359 -21.91 8.50 1.05
C ALA A 359 -22.82 9.72 0.94
N THR A 360 -22.35 10.89 1.38
CA THR A 360 -23.15 12.11 1.26
C THR A 360 -22.99 12.77 -0.10
N ILE A 361 -21.78 12.74 -0.66
CA ILE A 361 -21.56 13.30 -1.99
C ILE A 361 -22.41 12.55 -3.01
N ALA A 362 -22.66 11.26 -2.77
CA ALA A 362 -23.49 10.47 -3.68
C ALA A 362 -24.87 11.07 -3.88
N GLU A 363 -25.41 11.75 -2.87
CA GLU A 363 -26.73 12.36 -3.00
C GLU A 363 -26.75 13.42 -4.10
N CYS A 364 -25.63 14.12 -4.30
CA CYS A 364 -25.52 15.16 -5.31
C CYS A 364 -25.01 14.66 -6.65
N THR A 365 -24.25 13.57 -6.69
CA THR A 365 -23.68 13.14 -7.96
C THR A 365 -24.44 12.00 -8.61
N GLY A 366 -25.39 11.39 -7.92
CA GLY A 366 -26.16 10.27 -8.45
C GLY A 366 -25.50 8.92 -8.34
N THR A 367 -24.28 8.85 -7.81
CA THR A 367 -23.57 7.59 -7.70
C THR A 367 -24.23 6.67 -6.67
N THR A 368 -24.29 5.38 -6.97
CA THR A 368 -24.72 4.38 -6.00
C THR A 368 -23.49 3.87 -5.25
N VAL A 369 -23.40 4.20 -3.96
CA VAL A 369 -22.30 3.78 -3.10
C VAL A 369 -22.77 2.53 -2.37
N ILE A 370 -22.03 1.45 -2.50
CA ILE A 370 -22.45 0.14 -2.00
C ILE A 370 -21.35 -0.40 -1.08
N THR A 371 -21.71 -0.68 0.18
CA THR A 371 -20.78 -1.34 1.08
C THR A 371 -21.05 -2.84 1.04
N THR A 372 -20.01 -3.62 1.33
CA THR A 372 -20.13 -5.07 1.19
C THR A 372 -19.63 -5.87 2.38
N MET A 373 -19.03 -5.24 3.38
CA MET A 373 -18.34 -5.95 4.45
C MET A 373 -19.03 -5.60 5.75
N GLU A 374 -19.29 -6.62 6.57
CA GLU A 374 -20.10 -6.44 7.78
C GLU A 374 -19.48 -5.38 8.70
N MET A 375 -18.16 -5.35 8.81
CA MET A 375 -17.57 -4.43 9.79
C MET A 375 -17.16 -3.11 9.15
N SER A 376 -17.62 -2.82 7.93
CA SER A 376 -17.33 -1.51 7.34
C SER A 376 -18.56 -0.99 6.61
N LYS A 377 -19.46 -0.33 7.35
CA LYS A 377 -20.66 0.26 6.79
C LYS A 377 -20.56 1.77 6.88
N ILE A 378 -21.27 2.47 5.99
CA ILE A 378 -21.33 3.93 6.01
C ILE A 378 -22.78 4.35 5.98
N THR A 379 -23.19 5.16 6.95
CA THR A 379 -24.56 5.64 7.01
C THR A 379 -24.92 6.34 5.71
N GLY A 380 -26.05 5.95 5.14
CA GLY A 380 -26.50 6.52 3.89
C GLY A 380 -26.13 5.74 2.66
N ALA A 381 -25.21 4.78 2.77
CA ALA A 381 -24.83 3.92 1.66
C ALA A 381 -25.67 2.65 1.68
N THR A 382 -25.96 2.11 0.51
CA THR A 382 -26.64 0.84 0.42
C THR A 382 -25.68 -0.30 0.77
N HIS A 383 -26.14 -1.26 1.56
CA HIS A 383 -25.31 -2.39 1.96
C HIS A 383 -25.76 -3.66 1.25
N VAL A 384 -24.80 -4.40 0.70
CA VAL A 384 -25.03 -5.75 0.15
C VAL A 384 -24.12 -6.70 0.91
N ASN A 385 -24.71 -7.64 1.65
CA ASN A 385 -23.91 -8.56 2.46
C ASN A 385 -23.22 -9.60 1.60
N PHE A 386 -22.02 -9.27 1.14
CA PHE A 386 -21.22 -10.22 0.39
C PHE A 386 -20.88 -11.47 1.21
N ALA A 387 -21.00 -12.62 0.58
CA ALA A 387 -20.47 -13.87 1.13
C ALA A 387 -19.79 -14.64 0.01
N GLU A 388 -18.62 -15.21 0.30
CA GLU A 388 -17.88 -15.96 -0.72
C GLU A 388 -18.75 -17.05 -1.32
N GLU A 389 -19.54 -17.72 -0.48
CA GLU A 389 -20.44 -18.77 -0.94
C GLU A 389 -21.37 -18.27 -2.04
N ALA A 390 -21.70 -16.98 -2.02
CA ALA A 390 -22.65 -16.41 -2.96
C ALA A 390 -22.03 -15.29 -3.79
N ALA A 391 -20.72 -15.38 -4.05
CA ALA A 391 -20.01 -14.25 -4.62
C ALA A 391 -20.60 -13.81 -5.95
N VAL A 392 -20.95 -14.75 -6.83
CA VAL A 392 -21.42 -14.37 -8.15
C VAL A 392 -22.79 -13.70 -8.08
N GLU A 393 -23.71 -14.25 -7.29
CA GLU A 393 -25.03 -13.63 -7.18
C GLU A 393 -24.92 -12.21 -6.63
N ASN A 394 -24.06 -12.02 -5.64
CA ASN A 394 -23.87 -10.69 -5.06
C ASN A 394 -23.39 -9.72 -6.12
N ALA A 395 -22.41 -10.15 -6.92
CA ALA A 395 -21.88 -9.28 -7.96
C ALA A 395 -22.95 -8.88 -8.96
N LYS A 396 -23.82 -9.82 -9.33
CA LYS A 396 -24.88 -9.47 -10.27
C LYS A 396 -25.91 -8.53 -9.64
N GLN A 397 -26.22 -8.71 -8.36
CA GLN A 397 -27.12 -7.77 -7.71
C GLN A 397 -26.49 -6.38 -7.64
N ILE A 398 -25.20 -6.32 -7.27
CA ILE A 398 -24.49 -5.05 -7.20
C ILE A 398 -24.42 -4.41 -8.58
N LEU A 399 -24.00 -5.18 -9.58
CA LEU A 399 -23.88 -4.63 -10.93
C LEU A 399 -25.24 -4.20 -11.49
N ARG A 400 -26.32 -4.86 -11.05
CA ARG A 400 -27.64 -4.46 -11.52
C ARG A 400 -28.08 -3.13 -10.89
N LEU A 401 -27.62 -2.84 -9.67
CA LEU A 401 -27.83 -1.50 -9.13
C LEU A 401 -27.10 -0.45 -9.95
N ALA A 402 -25.89 -0.78 -10.44
CA ALA A 402 -25.15 0.15 -11.28
C ALA A 402 -25.85 0.36 -12.62
N ILE A 403 -26.40 -0.72 -13.20
CA ILE A 403 -27.06 -0.57 -14.49
C ILE A 403 -28.30 0.31 -14.34
N ASP A 404 -29.07 0.13 -13.26
CA ASP A 404 -30.17 1.05 -12.97
C ASP A 404 -29.66 2.49 -12.94
N THR A 405 -28.54 2.72 -12.26
CA THR A 405 -28.05 4.08 -12.07
C THR A 405 -27.62 4.71 -13.40
N PHE A 406 -26.98 3.93 -14.27
CA PHE A 406 -26.70 4.39 -15.63
C PHE A 406 -27.98 4.83 -16.34
N LYS A 407 -29.05 4.05 -16.18
CA LYS A 407 -30.33 4.39 -16.80
C LYS A 407 -30.84 5.74 -16.32
N ARG A 408 -30.68 6.02 -15.01
CA ARG A 408 -31.20 7.26 -14.45
C ARG A 408 -30.50 8.49 -15.02
N ARG A 409 -29.22 8.36 -15.42
CA ARG A 409 -28.49 9.51 -15.94
C ARG A 409 -28.45 9.55 -17.46
N LYS A 410 -29.25 8.71 -18.12
CA LYS A 410 -29.59 8.90 -19.53
C LYS A 410 -29.88 10.37 -19.79
N GLY A 411 -29.14 10.94 -20.74
CA GLY A 411 -29.35 12.34 -21.11
C GLY A 411 -29.06 13.36 -20.03
N LYS A 412 -28.03 13.12 -19.22
CA LYS A 412 -27.48 14.19 -18.42
C LYS A 412 -26.08 14.54 -18.90
N PRO A 413 -25.62 15.78 -18.72
CA PRO A 413 -24.25 16.09 -19.09
C PRO A 413 -23.30 15.60 -18.00
N VAL A 414 -22.20 14.99 -18.43
CA VAL A 414 -21.13 14.62 -17.52
C VAL A 414 -19.88 15.36 -17.95
N GLU A 415 -18.96 15.53 -17.01
CA GLU A 415 -17.71 16.24 -17.26
C GLU A 415 -16.60 15.29 -16.81
N ILE A 416 -16.19 14.43 -17.73
CA ILE A 416 -15.02 13.57 -17.54
C ILE A 416 -13.81 14.29 -18.11
N PRO A 417 -12.81 14.63 -17.31
CA PRO A 417 -11.62 15.26 -17.89
C PRO A 417 -10.98 14.33 -18.90
N ASN A 418 -10.58 14.90 -20.04
CA ASN A 418 -10.00 14.13 -21.13
C ASN A 418 -8.51 13.94 -20.87
N ILE A 419 -8.21 13.31 -19.73
CA ILE A 419 -6.85 13.28 -19.20
C ILE A 419 -6.57 11.87 -18.71
N LYS A 420 -5.60 11.20 -19.31
CA LYS A 420 -5.22 9.88 -18.81
C LYS A 420 -3.77 9.62 -19.24
N THR A 421 -3.15 8.66 -18.57
CA THR A 421 -1.80 8.23 -18.93
C THR A 421 -1.80 6.75 -19.25
N LYS A 422 -0.77 6.33 -20.00
CA LYS A 422 -0.51 4.92 -20.23
C LYS A 422 0.26 4.35 -19.04
N VAL A 423 -0.10 3.14 -18.63
CA VAL A 423 0.48 2.49 -17.45
C VAL A 423 0.91 1.08 -17.81
N VAL A 424 2.21 0.82 -17.73
CA VAL A 424 2.73 -0.56 -17.71
C VAL A 424 2.92 -0.97 -16.25
N ALA A 425 2.39 -2.13 -15.88
CA ALA A 425 2.43 -2.53 -14.48
C ALA A 425 2.53 -4.04 -14.41
N GLY A 426 2.21 -4.62 -13.24
CA GLY A 426 2.27 -6.07 -13.08
C GLY A 426 3.61 -6.63 -12.68
N PHE A 427 4.51 -5.82 -12.11
CA PHE A 427 5.85 -6.26 -11.72
C PHE A 427 5.83 -6.83 -10.31
N SER A 428 5.20 -8.00 -10.20
CA SER A 428 5.46 -8.86 -9.05
C SER A 428 6.95 -9.20 -9.00
N THR A 429 7.39 -9.71 -7.85
CA THR A 429 8.79 -10.10 -7.72
C THR A 429 9.10 -11.26 -8.65
N GLU A 430 8.16 -12.20 -8.80
CA GLU A 430 8.33 -13.28 -9.76
C GLU A 430 8.48 -12.72 -11.16
N ALA A 431 7.70 -11.70 -11.53
CA ALA A 431 7.81 -11.13 -12.87
C ALA A 431 9.14 -10.44 -13.07
N ILE A 432 9.62 -9.74 -12.05
CA ILE A 432 10.90 -9.05 -12.14
C ILE A 432 12.02 -10.06 -12.30
N ILE A 433 11.98 -11.13 -11.50
CA ILE A 433 13.00 -12.17 -11.63
C ILE A 433 12.90 -12.82 -12.99
N ASN A 434 11.69 -13.06 -13.49
CA ASN A 434 11.59 -13.65 -14.82
C ASN A 434 12.14 -12.72 -15.89
N ALA A 435 11.87 -11.42 -15.79
CA ALA A 435 12.40 -10.46 -16.74
C ALA A 435 13.92 -10.46 -16.73
N LEU A 436 14.51 -10.49 -15.54
CA LEU A 436 15.96 -10.51 -15.41
C LEU A 436 16.55 -11.80 -15.93
N SER A 437 15.78 -12.90 -15.86
CA SER A 437 16.27 -14.21 -16.29
C SER A 437 16.53 -14.24 -17.78
N LYS A 438 15.95 -13.32 -18.55
CA LYS A 438 16.26 -13.25 -19.97
C LYS A 438 17.67 -12.72 -20.24
N LEU A 439 18.30 -12.09 -19.26
CA LEU A 439 19.69 -11.70 -19.34
C LEU A 439 20.63 -12.73 -18.73
N ASN A 440 20.14 -13.56 -17.79
CA ASN A 440 20.98 -14.58 -17.16
C ASN A 440 20.05 -15.64 -16.61
N ALA A 441 19.90 -16.74 -17.34
CA ALA A 441 18.85 -17.70 -17.07
C ALA A 441 18.98 -18.34 -15.70
N ASN A 442 20.19 -18.75 -15.33
CA ASN A 442 20.39 -19.54 -14.13
C ASN A 442 20.77 -18.71 -12.91
N ASP A 443 20.91 -17.39 -13.07
CA ASP A 443 21.31 -16.50 -11.98
C ASP A 443 20.65 -15.14 -12.23
N PRO A 444 19.31 -15.08 -12.17
CA PRO A 444 18.60 -13.86 -12.65
C PRO A 444 18.91 -12.61 -11.85
N LEU A 445 19.20 -12.73 -10.57
CA LEU A 445 19.50 -11.52 -9.82
C LEU A 445 20.85 -10.94 -10.19
N LYS A 446 21.76 -11.75 -10.75
CA LYS A 446 23.10 -11.25 -11.01
C LYS A 446 23.13 -10.06 -11.97
N PRO A 447 22.36 -10.02 -13.08
CA PRO A 447 22.42 -8.81 -13.92
C PRO A 447 22.04 -7.55 -13.17
N LEU A 448 21.10 -7.64 -12.24
CA LEU A 448 20.76 -6.46 -11.47
C LEU A 448 21.91 -6.06 -10.55
N ILE A 449 22.48 -7.03 -9.84
CA ILE A 449 23.59 -6.72 -8.95
C ILE A 449 24.79 -6.23 -9.75
N ASP A 450 25.01 -6.81 -10.95
CA ASP A 450 26.10 -6.36 -11.82
C ASP A 450 26.01 -4.88 -12.09
N ASN A 451 24.80 -4.41 -12.39
CA ASN A 451 24.57 -3.01 -12.69
C ASN A 451 24.52 -2.11 -11.47
N VAL A 452 24.21 -2.65 -10.28
CA VAL A 452 24.44 -1.87 -9.08
C VAL A 452 25.93 -1.66 -8.87
N VAL A 453 26.73 -2.72 -9.05
CA VAL A 453 28.15 -2.64 -8.78
C VAL A 453 28.85 -1.70 -9.76
N ASN A 454 28.47 -1.73 -11.03
CA ASN A 454 29.14 -0.87 -11.99
C ASN A 454 28.55 0.54 -12.05
N GLY A 455 27.53 0.83 -11.28
CA GLY A 455 27.02 2.17 -11.20
C GLY A 455 25.90 2.50 -12.16
N ASN A 456 25.52 1.60 -13.07
CA ASN A 456 24.37 1.86 -13.92
C ASN A 456 23.09 1.98 -13.10
N ILE A 457 23.03 1.28 -11.98
CA ILE A 457 21.96 1.41 -10.99
C ILE A 457 22.60 1.89 -9.71
N ARG A 458 22.24 3.09 -9.28
CA ARG A 458 22.84 3.64 -8.07
C ARG A 458 22.31 2.89 -6.85
N GLY A 459 21.04 2.53 -6.87
CA GLY A 459 20.41 1.88 -5.73
C GLY A 459 18.95 1.67 -6.05
N VAL A 460 18.18 1.29 -5.03
CA VAL A 460 16.76 1.00 -5.21
C VAL A 460 15.98 1.87 -4.23
N CYS A 461 14.90 2.50 -4.70
CA CYS A 461 14.01 3.22 -3.79
C CYS A 461 12.58 2.73 -3.96
N LEU A 462 11.95 2.36 -2.85
CA LEU A 462 10.53 2.00 -2.80
C LEU A 462 9.71 3.21 -2.39
N PHE A 463 8.80 3.65 -3.25
CA PHE A 463 7.80 4.65 -2.88
C PHE A 463 6.54 3.95 -2.43
N ALA A 464 6.04 4.33 -1.25
CA ALA A 464 4.91 3.60 -0.66
C ALA A 464 3.97 4.58 0.03
N GLY A 465 2.80 4.07 0.38
CA GLY A 465 1.88 4.83 1.21
C GLY A 465 0.96 5.73 0.43
N CYS A 466 0.37 6.67 1.17
CA CYS A 466 -0.83 7.40 0.79
C CYS A 466 -0.50 8.75 0.12
N ASN A 467 -1.55 9.46 -0.28
CA ASN A 467 -1.58 10.92 -0.32
C ASN A 467 -2.11 11.45 1.01
N ASN A 468 -1.87 12.73 1.25
CA ASN A 468 -2.25 13.37 2.51
C ASN A 468 -2.66 14.79 2.17
N VAL A 469 -3.85 15.22 2.62
CA VAL A 469 -4.35 16.55 2.25
C VAL A 469 -3.38 17.67 2.67
N LYS A 470 -2.49 17.41 3.62
CA LYS A 470 -1.50 18.40 4.02
C LYS A 470 -0.50 18.73 2.92
N VAL A 471 -0.33 17.84 1.95
CA VAL A 471 0.70 17.95 0.91
C VAL A 471 -0.01 18.09 -0.43
N PRO A 472 0.32 19.08 -1.27
CA PRO A 472 -0.31 19.14 -2.59
C PRO A 472 -0.17 17.79 -3.28
N GLN A 473 -1.30 17.26 -3.73
CA GLN A 473 -1.37 15.84 -4.07
C GLN A 473 -0.32 15.50 -5.12
N ASP A 474 0.51 14.51 -4.80
CA ASP A 474 1.53 13.89 -5.64
C ASP A 474 2.82 14.70 -5.70
N GLN A 475 2.87 15.89 -5.13
CA GLN A 475 4.02 16.77 -5.30
C GLN A 475 5.29 16.15 -4.76
N ASN A 476 5.22 15.50 -3.61
CA ASN A 476 6.43 14.89 -3.07
C ASN A 476 6.85 13.67 -3.88
N PHE A 477 5.91 12.76 -4.19
CA PHE A 477 6.26 11.57 -4.97
C PHE A 477 6.95 11.94 -6.27
N THR A 478 6.38 12.89 -7.01
CA THR A 478 6.95 13.17 -8.34
C THR A 478 8.25 13.95 -8.23
N THR A 479 8.32 14.91 -7.31
CA THR A 479 9.55 15.67 -7.17
C THR A 479 10.70 14.78 -6.74
N ILE A 480 10.46 13.88 -5.78
CA ILE A 480 11.53 12.99 -5.35
C ILE A 480 11.87 11.99 -6.45
N ALA A 481 10.85 11.39 -7.07
CA ALA A 481 11.11 10.38 -8.09
C ALA A 481 11.92 10.97 -9.25
N ARG A 482 11.60 12.20 -9.67
CA ARG A 482 12.33 12.79 -10.78
C ARG A 482 13.81 12.88 -10.47
N LYS A 483 14.16 13.33 -9.26
CA LYS A 483 15.58 13.50 -8.92
C LYS A 483 16.29 12.16 -8.82
N LEU A 484 15.64 11.17 -8.21
CA LEU A 484 16.26 9.85 -8.06
C LEU A 484 16.48 9.18 -9.42
N LEU A 485 15.49 9.25 -10.30
CA LEU A 485 15.61 8.64 -11.63
C LEU A 485 16.77 9.27 -12.40
N LYS A 486 16.92 10.60 -12.32
CA LYS A 486 18.03 11.24 -13.02
C LYS A 486 19.37 10.73 -12.50
N GLN A 487 19.39 10.27 -11.25
CA GLN A 487 20.61 9.82 -10.60
C GLN A 487 20.77 8.30 -10.68
N ASN A 488 19.99 7.65 -11.56
CA ASN A 488 20.10 6.23 -11.90
C ASN A 488 19.59 5.31 -10.80
N VAL A 489 18.66 5.78 -9.99
CA VAL A 489 18.06 4.93 -8.97
C VAL A 489 16.96 4.09 -9.60
N LEU A 490 16.97 2.78 -9.33
CA LEU A 490 15.85 1.95 -9.73
C LEU A 490 14.68 2.21 -8.77
N VAL A 491 13.56 2.67 -9.30
CA VAL A 491 12.42 3.09 -8.48
C VAL A 491 11.30 2.09 -8.64
N VAL A 492 10.81 1.56 -7.51
CA VAL A 492 9.65 0.67 -7.47
C VAL A 492 8.61 1.34 -6.59
N ALA A 493 7.35 0.98 -6.79
CA ALA A 493 6.28 1.70 -6.11
C ALA A 493 5.05 0.84 -5.91
N THR A 494 4.34 1.15 -4.80
CA THR A 494 3.15 0.42 -4.40
C THR A 494 2.09 1.41 -3.95
N GLY A 495 0.86 0.90 -3.90
CA GLY A 495 -0.24 1.65 -3.30
C GLY A 495 -0.44 3.00 -3.96
N CYS A 496 -0.73 4.01 -3.15
CA CYS A 496 -1.00 5.31 -3.73
C CYS A 496 0.27 6.05 -4.12
N GLY A 497 1.45 5.56 -3.71
CA GLY A 497 2.67 6.02 -4.32
C GLY A 497 2.73 5.59 -5.77
N ALA A 498 2.40 4.33 -6.04
CA ALA A 498 2.27 3.90 -7.42
C ALA A 498 1.16 4.67 -8.12
N GLY A 499 0.07 4.94 -7.43
CA GLY A 499 -1.00 5.71 -8.05
C GLY A 499 -0.55 7.11 -8.47
N ALA A 500 0.19 7.79 -7.60
CA ALA A 500 0.68 9.13 -7.94
C ALA A 500 1.60 9.07 -9.14
N LEU A 501 2.53 8.13 -9.13
CA LEU A 501 3.50 8.06 -10.22
C LEU A 501 2.84 7.64 -11.52
N MET A 502 1.89 6.71 -11.47
CA MET A 502 1.20 6.29 -12.69
C MET A 502 0.40 7.43 -13.30
N ARG A 503 -0.26 8.24 -12.46
CA ARG A 503 -1.08 9.31 -13.02
C ARG A 503 -0.25 10.44 -13.60
N HIS A 504 1.06 10.47 -13.34
CA HIS A 504 1.91 11.50 -13.89
C HIS A 504 2.89 10.97 -14.94
N GLY A 505 2.62 9.78 -15.47
CA GLY A 505 3.35 9.26 -16.61
C GLY A 505 4.57 8.43 -16.28
N PHE A 506 4.82 8.14 -15.00
CA PHE A 506 6.06 7.47 -14.62
C PHE A 506 6.04 5.99 -14.92
N MET A 507 4.90 5.41 -15.33
CA MET A 507 4.82 4.00 -15.71
C MET A 507 4.64 3.84 -17.22
N ASP A 508 4.91 4.90 -17.98
CA ASP A 508 4.87 4.85 -19.44
C ASP A 508 6.30 4.78 -19.97
N PRO A 509 6.67 3.68 -20.64
CA PRO A 509 8.05 3.56 -21.15
C PRO A 509 8.44 4.63 -22.16
N ALA A 510 7.47 5.30 -22.79
CA ALA A 510 7.81 6.42 -23.67
C ALA A 510 8.52 7.55 -22.95
N ASN A 511 8.41 7.63 -21.61
CA ASN A 511 9.04 8.70 -20.85
C ASN A 511 10.39 8.32 -20.26
N VAL A 512 10.94 7.15 -20.62
CA VAL A 512 12.26 6.76 -20.12
C VAL A 512 13.34 7.75 -20.56
N ASP A 513 13.30 8.22 -21.82
CA ASP A 513 14.31 9.15 -22.29
C ASP A 513 14.31 10.44 -21.47
N GLU A 514 13.12 10.97 -21.18
CA GLU A 514 12.98 12.22 -20.42
C GLU A 514 13.39 12.05 -18.96
N LEU A 515 13.01 10.94 -18.34
CA LEU A 515 13.06 10.83 -16.89
C LEU A 515 14.34 10.21 -16.34
N CYS A 516 14.97 9.30 -17.09
CA CYS A 516 15.98 8.40 -16.52
C CYS A 516 17.39 8.81 -16.88
N GLY A 517 18.29 8.69 -15.89
CA GLY A 517 19.71 8.84 -16.17
C GLY A 517 20.18 7.80 -17.16
N ASP A 518 21.35 8.05 -17.73
CA ASP A 518 21.82 7.20 -18.82
C ASP A 518 22.06 5.77 -18.37
N GLY A 519 22.58 5.58 -17.15
CA GLY A 519 22.81 4.22 -16.66
C GLY A 519 21.52 3.45 -16.48
N LEU A 520 20.55 4.05 -15.78
CA LEU A 520 19.27 3.39 -15.58
C LEU A 520 18.57 3.15 -16.92
N LYS A 521 18.65 4.10 -17.84
CA LYS A 521 18.03 3.90 -19.14
C LYS A 521 18.64 2.69 -19.82
N ALA A 522 19.96 2.53 -19.71
CA ALA A 522 20.63 1.42 -20.35
C ALA A 522 20.10 0.09 -19.80
N VAL A 523 19.92 0.02 -18.48
CA VAL A 523 19.46 -1.22 -17.86
C VAL A 523 18.00 -1.49 -18.19
N LEU A 524 17.13 -0.48 -18.10
CA LEU A 524 15.72 -0.73 -18.44
C LEU A 524 15.57 -1.13 -19.90
N THR A 525 16.38 -0.56 -20.77
CA THR A 525 16.35 -0.91 -22.19
C THR A 525 16.84 -2.34 -22.41
N ALA A 526 18.00 -2.68 -21.85
CA ALA A 526 18.52 -4.04 -21.99
C ALA A 526 17.51 -5.07 -21.50
N ILE A 527 16.92 -4.84 -20.33
CA ILE A 527 15.93 -5.80 -19.85
C ILE A 527 14.72 -5.85 -20.76
N GLY A 528 14.23 -4.67 -21.19
CA GLY A 528 13.05 -4.66 -22.02
C GLY A 528 13.28 -5.33 -23.37
N GLU A 529 14.44 -5.05 -23.98
CA GLU A 529 14.76 -5.64 -25.28
C GLU A 529 14.94 -7.16 -25.18
N ALA A 530 15.45 -7.65 -24.04
CA ALA A 530 15.61 -9.09 -23.86
C ALA A 530 14.27 -9.76 -23.63
N ASN A 531 13.26 -9.00 -23.23
CA ASN A 531 11.91 -9.52 -23.08
C ASN A 531 11.09 -9.24 -24.34
N GLY A 532 11.76 -9.02 -25.48
CA GLY A 532 11.11 -8.87 -26.77
C GLY A 532 10.16 -7.70 -26.86
N LEU A 533 10.56 -6.56 -26.26
CA LEU A 533 9.66 -5.41 -26.17
C LEU A 533 9.96 -4.35 -27.22
N GLY A 534 11.15 -4.35 -27.81
CA GLY A 534 11.55 -3.28 -28.69
C GLY A 534 11.77 -1.97 -27.98
N GLY A 535 11.71 -1.99 -26.65
CA GLY A 535 11.82 -0.79 -25.87
C GLY A 535 11.96 -1.14 -24.41
N PRO A 536 12.16 -0.12 -23.59
CA PRO A 536 12.51 -0.35 -22.18
C PRO A 536 11.32 -0.76 -21.32
N LEU A 537 11.67 -1.32 -20.16
CA LEU A 537 10.75 -1.32 -19.03
C LEU A 537 10.34 0.12 -18.74
N PRO A 538 9.23 0.32 -18.04
CA PRO A 538 8.81 1.70 -17.69
C PRO A 538 9.76 2.33 -16.69
N PRO A 539 9.72 3.67 -16.54
CA PRO A 539 10.63 4.34 -15.62
C PRO A 539 10.53 3.86 -14.18
N VAL A 540 9.32 3.49 -13.73
CA VAL A 540 9.04 3.05 -12.37
C VAL A 540 8.34 1.72 -12.46
N LEU A 541 8.71 0.76 -11.60
CA LEU A 541 8.11 -0.57 -11.61
C LEU A 541 7.01 -0.62 -10.55
N HIS A 542 5.79 -0.83 -11.01
CA HIS A 542 4.63 -0.96 -10.15
C HIS A 542 4.60 -2.36 -9.58
N MET A 543 4.81 -2.46 -8.25
CA MET A 543 4.83 -3.73 -7.53
C MET A 543 3.51 -4.05 -6.82
N GLY A 544 2.50 -3.19 -6.91
CA GLY A 544 1.15 -3.59 -6.56
C GLY A 544 0.57 -2.74 -5.45
N SER A 545 -0.27 -3.38 -4.65
CA SER A 545 -1.01 -2.72 -3.58
C SER A 545 -0.14 -2.52 -2.34
N CYS A 546 -0.77 -1.99 -1.30
CA CYS A 546 -0.06 -1.75 -0.05
CA CYS A 546 -0.08 -1.72 -0.05
C CYS A 546 0.42 -3.04 0.60
N VAL A 547 -0.42 -4.09 0.61
CA VAL A 547 0.12 -5.35 1.16
C VAL A 547 1.26 -5.84 0.31
N ASP A 548 1.26 -5.50 -1.00
CA ASP A 548 2.35 -5.89 -1.88
C ASP A 548 3.64 -5.12 -1.66
N ASN A 549 3.73 -4.19 -0.69
CA ASN A 549 5.05 -3.84 -0.21
C ASN A 549 5.82 -5.09 0.19
N SER A 550 5.11 -6.15 0.55
CA SER A 550 5.76 -7.41 0.86
C SER A 550 6.53 -7.94 -0.34
N ARG A 551 6.09 -7.62 -1.56
CA ARG A 551 6.81 -8.05 -2.76
C ARG A 551 8.17 -7.38 -2.84
N ALA A 552 8.24 -6.08 -2.52
CA ALA A 552 9.52 -5.39 -2.47
C ALA A 552 10.45 -6.03 -1.44
N VAL A 553 9.89 -6.43 -0.29
CA VAL A 553 10.71 -7.12 0.69
C VAL A 553 11.27 -8.41 0.11
N ALA A 554 10.42 -9.17 -0.60
CA ALA A 554 10.88 -10.43 -1.19
C ALA A 554 12.02 -10.15 -2.18
N LEU A 555 11.90 -9.08 -2.95
CA LEU A 555 12.94 -8.76 -3.93
C LEU A 555 14.24 -8.38 -3.25
N VAL A 556 14.19 -7.46 -2.29
CA VAL A 556 15.46 -7.05 -1.71
C VAL A 556 16.01 -8.12 -0.76
N ALA A 557 15.14 -8.94 -0.14
CA ALA A 557 15.63 -10.09 0.61
C ALA A 557 16.35 -11.08 -0.30
N ALA A 558 15.80 -11.29 -1.50
CA ALA A 558 16.49 -12.17 -2.45
C ALA A 558 17.83 -11.59 -2.83
N LEU A 559 17.87 -10.27 -3.08
CA LEU A 559 19.14 -9.60 -3.40
C LEU A 559 20.12 -9.72 -2.25
N ALA A 560 19.67 -9.50 -1.01
CA ALA A 560 20.53 -9.68 0.14
C ALA A 560 21.10 -11.10 0.22
N ASN A 561 20.25 -12.10 0.03
CA ASN A 561 20.69 -13.49 0.12
C ASN A 561 21.67 -13.85 -0.99
N ARG A 562 21.50 -13.25 -2.18
CA ARG A 562 22.44 -13.51 -3.28
C ARG A 562 23.78 -12.83 -3.07
N LEU A 563 23.79 -11.67 -2.42
CA LEU A 563 25.03 -10.99 -2.05
C LEU A 563 25.64 -11.50 -0.76
N GLY A 564 24.91 -12.27 0.04
CA GLY A 564 25.42 -12.75 1.31
C GLY A 564 25.54 -11.67 2.36
N VAL A 565 24.65 -10.67 2.34
CA VAL A 565 24.64 -9.61 3.34
C VAL A 565 23.20 -9.38 3.78
N ASP A 566 23.05 -8.58 4.83
CA ASP A 566 21.73 -8.22 5.34
C ASP A 566 21.22 -6.96 4.62
N LEU A 567 19.92 -6.68 4.80
CA LEU A 567 19.28 -5.56 4.12
C LEU A 567 19.91 -4.23 4.49
N ASP A 568 20.40 -4.08 5.72
CA ASP A 568 20.96 -2.80 6.13
C ASP A 568 22.36 -2.56 5.58
N ARG A 569 22.87 -3.46 4.73
CA ARG A 569 24.06 -3.17 3.94
C ARG A 569 23.78 -2.93 2.46
N LEU A 570 22.53 -3.14 1.99
CA LEU A 570 22.19 -2.92 0.58
C LEU A 570 21.88 -1.44 0.33
N PRO A 571 22.15 -0.94 -0.89
CA PRO A 571 21.75 0.45 -1.25
C PRO A 571 20.29 0.51 -1.63
N VAL A 572 19.44 0.34 -0.61
CA VAL A 572 17.99 0.26 -0.76
C VAL A 572 17.38 1.18 0.29
N VAL A 573 16.45 2.02 -0.14
CA VAL A 573 15.77 2.95 0.76
C VAL A 573 14.29 2.94 0.41
N ALA A 574 13.49 3.55 1.30
CA ALA A 574 12.06 3.67 1.09
C ALA A 574 11.62 5.10 1.34
N SER A 575 10.54 5.50 0.70
CA SER A 575 9.97 6.84 0.90
C SER A 575 8.45 6.73 0.98
N ALA A 576 7.91 6.97 2.18
CA ALA A 576 6.48 7.20 2.36
C ALA A 576 6.27 8.71 2.29
N ALA A 577 6.26 9.20 1.07
CA ALA A 577 6.47 10.62 0.86
C ALA A 577 5.27 11.47 1.24
N GLU A 578 4.06 10.90 1.26
CA GLU A 578 2.86 11.70 1.58
C GLU A 578 1.90 10.90 2.47
N TRP A 579 2.43 10.22 3.48
CA TRP A 579 1.68 9.14 4.11
C TRP A 579 0.60 9.70 5.05
N MET A 580 -0.42 8.85 5.28
CA MET A 580 -1.61 9.25 6.04
C MET A 580 -2.12 8.20 7.05
N HIS A 581 -2.22 6.96 6.62
CA HIS A 581 -3.03 5.98 7.33
C HIS A 581 -2.19 5.29 8.40
N GLU A 582 -2.86 4.80 9.44
CA GLU A 582 -2.15 3.99 10.43
C GLU A 582 -1.44 2.82 9.78
N LYS A 583 -2.03 2.26 8.71
CA LYS A 583 -1.37 1.19 7.97
C LYS A 583 -0.02 1.64 7.43
N ALA A 584 0.06 2.90 6.98
CA ALA A 584 1.31 3.42 6.44
C ALA A 584 2.32 3.63 7.54
N VAL A 585 1.87 4.03 8.73
CA VAL A 585 2.80 4.16 9.86
C VAL A 585 3.40 2.80 10.19
N ALA A 586 2.56 1.74 10.21
CA ALA A 586 3.06 0.38 10.39
C ALA A 586 4.11 0.02 9.34
N ILE A 587 3.83 0.31 8.07
CA ILE A 587 4.76 -0.07 6.99
C ILE A 587 6.08 0.67 7.14
N GLY A 588 6.02 1.97 7.37
CA GLY A 588 7.25 2.73 7.56
C GLY A 588 8.06 2.17 8.72
N THR A 589 7.38 1.79 9.78
CA THR A 589 8.07 1.27 10.94
C THR A 589 8.70 -0.09 10.65
N TRP A 590 8.02 -0.99 9.94
CA TRP A 590 8.73 -2.23 9.64
C TRP A 590 9.77 -2.07 8.54
N ALA A 591 9.68 -1.04 7.69
CA ALA A 591 10.78 -0.77 6.78
C ALA A 591 12.05 -0.43 7.56
N VAL A 592 11.92 0.40 8.60
CA VAL A 592 13.02 0.69 9.51
C VAL A 592 13.49 -0.57 10.23
N THR A 593 12.54 -1.38 10.70
CA THR A 593 12.92 -2.54 11.50
C THR A 593 13.67 -3.57 10.67
N ILE A 594 13.36 -3.71 9.38
CA ILE A 594 14.09 -4.70 8.58
C ILE A 594 15.38 -4.12 8.02
N GLY A 595 15.69 -2.85 8.30
CA GLY A 595 17.01 -2.31 8.07
C GLY A 595 17.13 -1.19 7.05
N LEU A 596 15.99 -0.60 6.64
CA LEU A 596 16.00 0.38 5.55
C LEU A 596 16.01 1.81 6.06
N PRO A 597 16.81 2.69 5.45
CA PRO A 597 16.58 4.13 5.63
C PRO A 597 15.24 4.50 4.99
N THR A 598 14.38 5.15 5.77
CA THR A 598 12.96 5.29 5.41
C THR A 598 12.57 6.76 5.52
N HIS A 599 12.42 7.42 4.39
CA HIS A 599 12.00 8.82 4.37
C HIS A 599 10.49 8.91 4.62
N ILE A 600 10.06 9.90 5.42
CA ILE A 600 8.64 10.19 5.55
C ILE A 600 8.42 11.68 5.33
N GLY A 601 7.33 12.02 4.62
CA GLY A 601 7.11 13.38 4.16
C GLY A 601 6.08 14.19 4.92
N VAL A 602 5.47 13.60 5.94
CA VAL A 602 4.53 14.28 6.84
C VAL A 602 4.93 13.84 8.24
N LEU A 603 5.19 14.77 9.13
CA LEU A 603 5.63 14.36 10.47
C LEU A 603 4.51 13.64 11.22
N PRO A 604 4.77 12.48 11.81
CA PRO A 604 3.82 11.87 12.72
C PRO A 604 3.86 12.60 14.03
N PRO A 605 2.97 12.29 14.94
CA PRO A 605 2.91 13.11 16.17
C PRO A 605 3.99 12.73 17.18
N ILE A 606 5.24 13.10 16.87
CA ILE A 606 6.37 12.71 17.70
C ILE A 606 7.24 13.92 18.08
N THR A 607 7.02 15.07 17.46
CA THR A 607 7.96 16.18 17.67
C THR A 607 7.89 16.72 19.09
N GLY A 608 6.84 16.38 19.83
CA GLY A 608 6.75 16.82 21.21
C GLY A 608 7.67 16.09 22.16
N SER A 609 8.35 15.04 21.71
CA SER A 609 9.35 14.37 22.52
C SER A 609 10.65 14.28 21.75
N LEU A 610 11.63 15.10 22.13
CA LEU A 610 12.94 14.97 21.52
C LEU A 610 13.56 13.59 21.74
N PRO A 611 13.51 12.97 22.93
CA PRO A 611 14.04 11.60 23.05
C PRO A 611 13.41 10.59 22.11
N VAL A 612 12.09 10.65 21.89
CA VAL A 612 11.48 9.71 20.95
C VAL A 612 11.91 10.01 19.52
N THR A 613 11.94 11.30 19.14
CA THR A 613 12.38 11.65 17.80
C THR A 613 13.80 11.16 17.55
N GLN A 614 14.67 11.31 18.55
CA GLN A 614 16.05 10.87 18.41
C GLN A 614 16.15 9.36 18.25
N ILE A 615 15.31 8.58 18.95
CA ILE A 615 15.34 7.13 18.75
C ILE A 615 14.97 6.80 17.32
N LEU A 616 13.87 7.37 16.84
CA LEU A 616 13.32 6.99 15.54
C LEU A 616 14.18 7.48 14.39
N THR A 617 14.88 8.62 14.55
CA THR A 617 15.70 9.14 13.47
C THR A 617 17.17 8.82 13.60
N SER A 618 17.64 8.44 14.80
CA SER A 618 19.06 8.12 14.92
C SER A 618 19.38 6.80 15.62
N SER A 619 18.99 6.65 16.88
CA SER A 619 19.59 5.57 17.65
C SER A 619 18.99 4.21 17.31
N VAL A 620 17.83 4.16 16.65
CA VAL A 620 17.32 2.87 16.19
C VAL A 620 18.29 2.26 15.18
N LYS A 621 19.17 3.07 14.56
CA LYS A 621 20.18 2.51 13.66
C LYS A 621 20.99 1.43 14.37
N ASP A 622 21.25 1.65 15.67
CA ASP A 622 22.07 0.72 16.43
C ASP A 622 21.36 -0.59 16.70
N ILE A 623 20.03 -0.58 16.64
CA ILE A 623 19.23 -1.78 16.83
C ILE A 623 19.02 -2.52 15.52
N THR A 624 18.53 -1.84 14.48
CA THR A 624 18.08 -2.51 13.26
C THR A 624 18.87 -2.12 12.02
N GLY A 625 19.71 -1.08 12.09
CA GLY A 625 20.38 -0.56 10.92
C GLY A 625 19.54 0.35 10.06
N GLY A 626 18.22 0.36 10.24
CA GLY A 626 17.36 1.29 9.55
C GLY A 626 17.10 2.52 10.40
N TYR A 627 16.43 3.49 9.81
CA TYR A 627 16.13 4.72 10.53
C TYR A 627 15.15 5.56 9.72
N PHE A 628 14.38 6.39 10.41
CA PHE A 628 13.50 7.30 9.71
C PHE A 628 14.30 8.53 9.29
N ILE A 629 13.98 9.04 8.10
CA ILE A 629 14.46 10.32 7.59
C ILE A 629 13.26 11.27 7.52
N HIS A 630 13.15 12.20 8.48
CA HIS A 630 12.09 13.20 8.49
C HIS A 630 12.48 14.38 7.63
N GLU A 631 11.75 14.59 6.53
CA GLU A 631 12.06 15.71 5.65
C GLU A 631 10.80 16.11 4.89
N LEU A 632 10.24 17.27 5.25
CA LEU A 632 9.04 17.76 4.56
C LEU A 632 9.33 18.33 3.18
N ASP A 633 10.55 18.83 2.93
CA ASP A 633 10.87 19.45 1.64
C ASP A 633 11.32 18.37 0.68
N PRO A 634 10.61 18.12 -0.42
CA PRO A 634 10.93 16.95 -1.26
C PRO A 634 12.26 17.07 -1.98
N GLU A 635 12.70 18.27 -2.38
CA GLU A 635 14.03 18.33 -2.96
C GLU A 635 15.10 17.95 -1.96
N THR A 636 14.98 18.43 -0.72
CA THR A 636 15.90 17.99 0.34
C THR A 636 15.77 16.49 0.59
N ALA A 637 14.53 15.97 0.61
CA ALA A 637 14.31 14.55 0.82
C ALA A 637 15.07 13.71 -0.20
N ALA A 638 14.98 14.09 -1.48
CA ALA A 638 15.70 13.36 -2.53
C ALA A 638 17.20 13.38 -2.27
N ASP A 639 17.74 14.55 -1.90
CA ASP A 639 19.17 14.62 -1.59
C ASP A 639 19.51 13.71 -0.41
N LYS A 640 18.63 13.66 0.58
CA LYS A 640 18.91 12.83 1.75
C LYS A 640 18.81 11.35 1.42
N LEU A 641 17.86 10.98 0.56
CA LEU A 641 17.75 9.59 0.13
C LEU A 641 18.94 9.17 -0.73
N LEU A 642 19.40 10.07 -1.59
CA LEU A 642 20.61 9.77 -2.36
C LEU A 642 21.80 9.60 -1.43
N ALA A 643 21.91 10.45 -0.42
CA ALA A 643 23.00 10.33 0.53
C ALA A 643 22.97 8.99 1.24
N ALA A 644 21.78 8.58 1.69
CA ALA A 644 21.62 7.27 2.31
C ALA A 644 22.01 6.14 1.35
N ILE A 645 21.57 6.23 0.09
CA ILE A 645 21.97 5.21 -0.88
C ILE A 645 23.48 5.22 -1.05
N ASN A 646 24.08 6.41 -1.15
CA ASN A 646 25.51 6.45 -1.44
C ASN A 646 26.33 6.00 -0.25
N GLU A 647 25.85 6.26 0.97
CA GLU A 647 26.53 5.72 2.15
C GLU A 647 26.52 4.19 2.13
N ARG A 648 25.41 3.59 1.73
CA ARG A 648 25.35 2.14 1.63
C ARG A 648 26.33 1.65 0.57
N ARG A 649 26.40 2.36 -0.55
CA ARG A 649 27.38 2.02 -1.59
C ARG A 649 28.80 2.04 -1.04
N ALA A 650 29.14 3.08 -0.26
CA ALA A 650 30.48 3.17 0.32
C ALA A 650 30.76 2.01 1.26
N GLY A 651 29.77 1.61 2.06
CA GLY A 651 29.97 0.51 2.98
C GLY A 651 30.17 -0.83 2.29
N LEU A 652 29.78 -0.92 1.03
CA LEU A 652 30.06 -2.10 0.22
C LEU A 652 31.35 -1.94 -0.57
N GLY A 653 32.06 -0.83 -0.40
CA GLY A 653 33.23 -0.54 -1.21
C GLY A 653 32.94 -0.22 -2.66
N LEU A 654 31.75 0.29 -2.97
CA LEU A 654 31.44 0.64 -4.34
C LEU A 654 31.69 2.12 -4.59
N PRO A 655 32.01 2.51 -5.82
CA PRO A 655 32.06 3.92 -6.16
C PRO A 655 30.66 4.52 -6.14
N TRP A 656 30.61 5.84 -6.00
CA TRP A 656 29.33 6.54 -5.96
C TRP A 656 29.44 8.00 -6.36
FE1 SF4 B . -2.39 9.40 32.18
FE2 SF4 B . -3.37 9.58 29.72
FE3 SF4 B . -3.92 11.51 31.45
FE4 SF4 B . -5.07 9.07 31.73
S1 SF4 B . -5.44 10.49 30.01
S2 SF4 B . -4.11 10.38 33.38
S3 SF4 B . -3.35 7.71 30.95
S4 SF4 B . -1.80 10.96 30.70
FE1 FES C . -5.96 16.52 22.44
FE2 FES C . -6.01 18.62 20.76
S1 FES C . -5.69 18.66 23.06
S2 FES C . -5.43 16.53 20.23
FE1 XCC D . -3.94 4.48 -0.49
FE2 XCC D . -3.97 1.20 0.33
FE3 XCC D . -2.57 4.65 2.19
FE4 XCC D . -4.74 3.76 1.94
S1 XCC D . -3.09 2.81 3.35
S2 XCC D . -4.40 5.95 1.27
S4 XCC D . -1.87 3.73 0.18
S3 XCC D . -5.43 2.84 -0.06
NI XCC D . -1.67 1.82 1.98
FE FE E . -5.53 4.54 -1.21
#